data_1AZE
#
_entry.id   1AZE
#
_cell.length_a   1.000
_cell.length_b   1.000
_cell.length_c   1.000
_cell.angle_alpha   90.00
_cell.angle_beta   90.00
_cell.angle_gamma   90.00
#
_symmetry.space_group_name_H-M   'P 1'
#
loop_
_entity.id
_entity.type
_entity.pdbx_description
1 polymer GRB2
2 polymer SOS
#
loop_
_entity_poly.entity_id
_entity_poly.type
_entity_poly.pdbx_seq_one_letter_code
_entity_poly.pdbx_strand_id
1 'polypeptide(L)' MEAIAKVDFKATADDELSFKRGDILKVLNEESDQNWYKAELNGKDGFIPKNYIEMK A
2 'polypeptide(L)' VPPPVPPRRR B
#
# COMPACT_ATOMS: atom_id res chain seq x y z
N MET A 1 -7.48 -8.56 -5.70
CA MET A 1 -8.45 -7.47 -5.74
C MET A 1 -7.80 -6.14 -6.19
N GLU A 2 -8.56 -5.04 -6.10
CA GLU A 2 -8.07 -3.68 -6.31
C GLU A 2 -8.84 -2.68 -5.43
N ALA A 3 -8.16 -1.62 -4.99
CA ALA A 3 -8.64 -0.68 -3.98
C ALA A 3 -8.15 0.75 -4.26
N ILE A 4 -8.95 1.75 -3.83
CA ILE A 4 -8.72 3.17 -4.07
C ILE A 4 -7.86 3.74 -2.93
N ALA A 5 -6.75 4.41 -3.29
CA ALA A 5 -5.89 5.13 -2.36
C ALA A 5 -6.68 6.22 -1.62
N LYS A 6 -6.78 6.09 -0.28
CA LYS A 6 -7.52 6.98 0.61
C LYS A 6 -6.61 8.12 1.11
N VAL A 7 -5.36 7.79 1.45
CA VAL A 7 -4.27 8.72 1.77
C VAL A 7 -3.04 8.39 0.89
N ASP A 8 -2.28 9.44 0.52
CA ASP A 8 -1.06 9.34 -0.28
C ASP A 8 0.09 8.75 0.54
N PHE A 9 0.76 7.71 0.01
CA PHE A 9 1.97 7.12 0.58
C PHE A 9 3.20 7.71 -0.13
N LYS A 10 3.99 8.52 0.58
CA LYS A 10 5.20 9.17 0.10
C LYS A 10 6.43 8.38 0.58
N ALA A 11 6.85 7.37 -0.21
CA ALA A 11 7.94 6.47 0.14
C ALA A 11 9.32 7.16 0.13
N THR A 12 10.17 6.82 1.11
CA THR A 12 11.57 7.20 1.17
C THR A 12 12.41 6.16 0.43
N ALA A 13 12.28 4.88 0.84
CA ALA A 13 12.98 3.72 0.26
C ALA A 13 12.29 3.24 -1.02
N ASP A 14 13.06 2.99 -2.09
CA ASP A 14 12.58 2.54 -3.39
C ASP A 14 12.33 1.01 -3.38
N ASP A 15 11.32 0.61 -2.60
CA ASP A 15 10.82 -0.75 -2.40
C ASP A 15 9.38 -0.71 -1.88
N GLU A 16 9.11 0.18 -0.89
CA GLU A 16 7.77 0.52 -0.43
C GLU A 16 7.09 1.36 -1.53
N LEU A 17 5.96 0.88 -2.07
CA LEU A 17 5.27 1.49 -3.20
C LEU A 17 4.75 2.89 -2.85
N SER A 18 5.17 3.91 -3.61
CA SER A 18 4.69 5.29 -3.49
C SER A 18 3.48 5.50 -4.40
N PHE A 19 2.42 6.13 -3.87
CA PHE A 19 1.16 6.36 -4.58
C PHE A 19 0.40 7.56 -3.97
N LYS A 20 -0.49 8.16 -4.77
CA LYS A 20 -1.31 9.32 -4.40
C LYS A 20 -2.76 8.92 -4.15
N ARG A 21 -3.43 9.68 -3.27
CA ARG A 21 -4.85 9.52 -2.94
C ARG A 21 -5.73 9.71 -4.20
N GLY A 22 -6.47 8.66 -4.58
CA GLY A 22 -7.22 8.56 -5.84
C GLY A 22 -6.78 7.37 -6.71
N ASP A 23 -5.46 7.05 -6.74
CA ASP A 23 -4.87 6.00 -7.55
C ASP A 23 -5.55 4.63 -7.33
N ILE A 24 -5.56 3.82 -8.40
CA ILE A 24 -6.09 2.46 -8.42
C ILE A 24 -4.94 1.50 -8.08
N LEU A 25 -4.85 1.08 -6.81
CA LEU A 25 -3.85 0.15 -6.31
C LEU A 25 -4.40 -1.27 -6.44
N LYS A 26 -3.95 -1.99 -7.47
CA LYS A 26 -4.33 -3.37 -7.78
C LYS A 26 -3.40 -4.35 -7.08
N VAL A 27 -3.94 -5.27 -6.29
CA VAL A 27 -3.16 -6.15 -5.42
C VAL A 27 -2.76 -7.42 -6.19
N LEU A 28 -1.49 -7.78 -6.04
CA LEU A 28 -0.86 -8.95 -6.66
C LEU A 28 -0.89 -10.14 -5.69
N ASN A 29 -0.35 -9.95 -4.47
CA ASN A 29 -0.32 -10.98 -3.43
C ASN A 29 -0.36 -10.37 -2.03
N GLU A 30 -1.54 -10.33 -1.42
CA GLU A 30 -1.77 -10.01 -0.01
C GLU A 30 -1.69 -11.28 0.87
N GLU A 31 -1.84 -12.48 0.27
CA GLU A 31 -1.79 -13.79 0.90
C GLU A 31 -0.33 -14.10 1.26
N SER A 32 0.12 -13.45 2.33
CA SER A 32 1.50 -13.37 2.79
C SER A 32 1.51 -12.75 4.20
N ASP A 33 0.94 -11.54 4.32
CA ASP A 33 0.63 -10.86 5.56
C ASP A 33 -0.41 -9.74 5.35
N GLN A 34 -1.23 -9.50 6.36
CA GLN A 34 -2.28 -8.48 6.36
C GLN A 34 -1.71 -7.06 6.41
N ASN A 35 -0.63 -6.83 7.18
CA ASN A 35 -0.01 -5.52 7.41
C ASN A 35 0.39 -4.82 6.10
N TRP A 36 1.23 -5.48 5.30
CA TRP A 36 1.81 -4.96 4.06
C TRP A 36 1.44 -5.86 2.87
N TYR A 37 0.65 -5.31 1.94
CA TYR A 37 0.21 -5.95 0.70
C TYR A 37 1.21 -5.70 -0.42
N LYS A 38 1.52 -6.73 -1.22
CA LYS A 38 2.34 -6.59 -2.42
C LYS A 38 1.41 -6.29 -3.60
N ALA A 39 1.52 -5.06 -4.14
CA ALA A 39 0.59 -4.49 -5.11
C ALA A 39 1.30 -3.76 -6.27
N GLU A 40 0.47 -3.30 -7.21
CA GLU A 40 0.77 -2.76 -8.52
C GLU A 40 -0.05 -1.47 -8.71
N LEU A 41 0.62 -0.31 -8.86
CA LEU A 41 -0.01 0.95 -9.19
C LEU A 41 -0.49 0.92 -10.65
N ASN A 42 0.47 1.02 -11.58
CA ASN A 42 0.35 0.98 -13.04
C ASN A 42 1.75 0.82 -13.64
N GLY A 43 2.62 1.79 -13.34
CA GLY A 43 4.01 1.88 -13.81
C GLY A 43 4.99 1.04 -12.99
N LYS A 44 4.78 0.90 -11.66
CA LYS A 44 5.70 0.24 -10.74
C LYS A 44 4.96 -0.50 -9.61
N ASP A 45 5.72 -1.32 -8.85
CA ASP A 45 5.23 -2.29 -7.87
C ASP A 45 6.01 -2.18 -6.55
N GLY A 46 5.35 -2.51 -5.42
CA GLY A 46 5.97 -2.58 -4.10
C GLY A 46 4.98 -2.84 -2.96
N PHE A 47 5.40 -2.54 -1.72
CA PHE A 47 4.65 -2.79 -0.49
C PHE A 47 3.74 -1.60 -0.12
N ILE A 48 2.50 -1.88 0.30
CA ILE A 48 1.42 -0.91 0.55
C ILE A 48 0.80 -1.17 1.94
N PRO A 49 0.69 -0.17 2.84
CA PRO A 49 -0.03 -0.31 4.10
C PRO A 49 -1.52 -0.63 3.90
N LYS A 50 -2.04 -1.58 4.70
CA LYS A 50 -3.47 -1.87 4.80
C LYS A 50 -4.33 -0.63 5.08
N ASN A 51 -3.84 0.26 5.94
CA ASN A 51 -4.52 1.48 6.41
C ASN A 51 -4.71 2.53 5.29
N TYR A 52 -3.69 2.71 4.44
CA TYR A 52 -3.61 3.81 3.47
C TYR A 52 -4.61 3.69 2.30
N ILE A 53 -5.09 2.47 2.00
CA ILE A 53 -6.01 2.18 0.90
C ILE A 53 -7.41 1.82 1.43
N GLU A 54 -8.46 2.05 0.61
CA GLU A 54 -9.83 1.63 0.88
C GLU A 54 -9.99 0.13 0.52
N MET A 55 -9.33 -0.73 1.30
CA MET A 55 -9.31 -2.18 1.13
C MET A 55 -10.69 -2.83 1.27
N LYS A 56 -11.51 -2.29 2.18
CA LYS A 56 -12.88 -2.72 2.47
C LYS A 56 -13.75 -1.47 2.68
N VAL B 1 -6.45 11.54 14.88
CA VAL B 1 -5.42 10.48 14.81
C VAL B 1 -5.09 10.14 13.33
N PRO B 2 -3.82 10.18 12.91
CA PRO B 2 -3.41 9.95 11.53
C PRO B 2 -3.42 8.44 11.17
N PRO B 3 -3.51 8.09 9.87
CA PRO B 3 -3.48 6.71 9.40
C PRO B 3 -2.07 6.11 9.63
N PRO B 4 -1.95 5.02 10.42
CA PRO B 4 -0.66 4.48 10.84
C PRO B 4 -0.02 3.61 9.74
N VAL B 5 1.32 3.55 9.75
CA VAL B 5 2.15 2.70 8.88
C VAL B 5 2.64 1.51 9.72
N PRO B 6 2.22 0.26 9.43
CA PRO B 6 2.69 -0.94 10.14
C PRO B 6 4.21 -1.17 10.01
N PRO B 7 4.83 -1.95 10.92
CA PRO B 7 6.23 -2.34 10.82
C PRO B 7 6.43 -3.33 9.65
N ARG B 8 7.53 -3.18 8.88
CA ARG B 8 7.83 -3.99 7.71
C ARG B 8 8.04 -5.48 8.02
N ARG B 9 8.54 -5.81 9.23
CA ARG B 9 8.74 -7.15 9.77
C ARG B 9 10.07 -7.75 9.28
N ARG B 10 10.88 -8.28 10.22
CA ARG B 10 12.13 -8.98 9.93
C ARG B 10 11.88 -10.39 9.38
N MET A 1 -9.60 -7.57 -6.94
CA MET A 1 -9.38 -7.33 -5.51
C MET A 1 -8.74 -5.94 -5.22
N GLU A 2 -8.94 -4.95 -6.10
CA GLU A 2 -8.35 -3.61 -5.99
C GLU A 2 -8.93 -2.78 -4.82
N ALA A 3 -8.21 -1.72 -4.44
CA ALA A 3 -8.45 -0.89 -3.27
C ALA A 3 -7.97 0.55 -3.55
N ILE A 4 -8.79 1.57 -3.27
CA ILE A 4 -8.48 2.97 -3.58
C ILE A 4 -7.51 3.59 -2.57
N ALA A 5 -6.66 4.53 -2.99
CA ALA A 5 -5.75 5.26 -2.10
C ALA A 5 -6.57 6.15 -1.17
N LYS A 6 -6.61 5.80 0.13
CA LYS A 6 -7.44 6.42 1.14
C LYS A 6 -6.71 7.60 1.81
N VAL A 7 -5.39 7.47 2.01
CA VAL A 7 -4.48 8.54 2.41
C VAL A 7 -3.23 8.50 1.51
N ASP A 8 -2.65 9.66 1.23
CA ASP A 8 -1.44 9.84 0.42
C ASP A 8 -0.23 9.13 1.06
N PHE A 9 0.20 8.00 0.47
CA PHE A 9 1.33 7.21 0.96
C PHE A 9 2.65 7.75 0.40
N LYS A 10 3.49 8.29 1.29
CA LYS A 10 4.79 8.88 1.00
C LYS A 10 5.85 8.04 1.72
N ALA A 11 6.31 6.95 1.10
CA ALA A 11 7.17 5.94 1.70
C ALA A 11 8.53 6.50 2.15
N THR A 12 9.02 6.01 3.29
CA THR A 12 10.35 6.31 3.85
C THR A 12 11.39 5.36 3.23
N ALA A 13 11.19 4.05 3.38
CA ALA A 13 12.05 2.99 2.86
C ALA A 13 12.00 2.95 1.32
N ASP A 14 13.17 3.03 0.67
CA ASP A 14 13.32 3.07 -0.78
C ASP A 14 13.22 1.67 -1.44
N ASP A 15 12.16 0.92 -1.09
CA ASP A 15 11.80 -0.37 -1.68
C ASP A 15 10.29 -0.65 -1.49
N GLU A 16 9.46 0.40 -1.65
CA GLU A 16 8.01 0.39 -1.45
C GLU A 16 7.31 1.21 -2.55
N LEU A 17 5.98 1.09 -2.65
CA LEU A 17 5.15 1.95 -3.50
C LEU A 17 5.00 3.35 -2.87
N SER A 18 4.44 4.31 -3.62
CA SER A 18 4.08 5.65 -3.16
C SER A 18 3.04 6.26 -4.12
N PHE A 19 2.11 7.05 -3.58
CA PHE A 19 0.93 7.54 -4.29
C PHE A 19 0.21 8.67 -3.53
N LYS A 20 -0.74 9.32 -4.22
CA LYS A 20 -1.66 10.29 -3.63
C LYS A 20 -3.05 9.67 -3.40
N ARG A 21 -3.78 10.23 -2.43
CA ARG A 21 -5.19 9.93 -2.14
C ARG A 21 -6.05 10.07 -3.41
N GLY A 22 -6.69 8.97 -3.83
CA GLY A 22 -7.45 8.85 -5.08
C GLY A 22 -6.94 7.73 -5.99
N ASP A 23 -5.60 7.58 -6.14
CA ASP A 23 -4.95 6.60 -7.00
C ASP A 23 -5.41 5.17 -6.68
N ILE A 24 -5.89 4.44 -7.70
CA ILE A 24 -6.34 3.05 -7.57
C ILE A 24 -5.14 2.10 -7.45
N LEU A 25 -5.02 1.39 -6.30
CA LEU A 25 -4.04 0.34 -6.07
C LEU A 25 -4.68 -1.00 -6.46
N LYS A 26 -4.15 -1.66 -7.50
CA LYS A 26 -4.60 -2.96 -7.96
C LYS A 26 -3.79 -4.02 -7.21
N VAL A 27 -4.43 -4.80 -6.32
CA VAL A 27 -3.75 -5.73 -5.42
C VAL A 27 -3.60 -7.08 -6.12
N LEU A 28 -2.43 -7.70 -5.92
CA LEU A 28 -2.03 -8.95 -6.56
C LEU A 28 -2.45 -10.15 -5.70
N ASN A 29 -2.12 -10.12 -4.40
CA ASN A 29 -2.47 -11.16 -3.44
C ASN A 29 -2.63 -10.60 -2.02
N GLU A 30 -3.25 -11.40 -1.15
CA GLU A 30 -3.31 -11.19 0.29
C GLU A 30 -2.11 -11.92 0.91
N GLU A 31 -1.46 -11.29 1.89
CA GLU A 31 -0.21 -11.79 2.47
C GLU A 31 -0.46 -12.84 3.57
N SER A 32 0.63 -13.44 4.07
CA SER A 32 0.60 -14.50 5.08
C SER A 32 0.12 -13.94 6.43
N ASP A 33 0.91 -13.03 7.00
CA ASP A 33 0.57 -12.21 8.16
C ASP A 33 1.43 -10.94 8.11
N GLN A 34 0.94 -9.93 7.39
CA GLN A 34 1.53 -8.60 7.29
C GLN A 34 0.40 -7.57 7.20
N ASN A 35 0.57 -6.41 7.86
CA ASN A 35 -0.31 -5.25 7.70
C ASN A 35 0.10 -4.45 6.45
N TRP A 36 0.27 -5.17 5.34
CA TRP A 36 0.74 -4.72 4.04
C TRP A 36 0.12 -5.58 2.92
N TYR A 37 0.27 -5.13 1.66
CA TYR A 37 -0.15 -5.85 0.46
C TYR A 37 0.78 -5.56 -0.72
N LYS A 38 0.95 -6.50 -1.64
CA LYS A 38 1.64 -6.28 -2.92
C LYS A 38 0.61 -5.81 -3.95
N ALA A 39 0.92 -4.70 -4.65
CA ALA A 39 0.01 -4.04 -5.58
C ALA A 39 0.76 -3.33 -6.71
N GLU A 40 0.10 -3.23 -7.87
CA GLU A 40 0.51 -2.48 -9.05
C GLU A 40 -0.25 -1.14 -9.11
N LEU A 41 0.47 -0.10 -9.52
CA LEU A 41 -0.04 1.22 -9.83
C LEU A 41 0.98 1.91 -10.74
N ASN A 42 0.61 2.14 -12.02
CA ASN A 42 1.41 2.85 -13.02
C ASN A 42 2.83 2.24 -13.14
N GLY A 43 2.92 0.99 -13.60
CA GLY A 43 4.18 0.27 -13.82
C GLY A 43 4.86 -0.26 -12.54
N LYS A 44 4.67 0.40 -11.40
CA LYS A 44 5.40 0.17 -10.16
C LYS A 44 4.67 -0.89 -9.30
N ASP A 45 5.22 -2.12 -9.25
CA ASP A 45 4.78 -3.17 -8.35
C ASP A 45 5.62 -3.12 -7.05
N GLY A 46 5.23 -2.21 -6.16
CA GLY A 46 5.74 -2.12 -4.80
C GLY A 46 4.75 -2.75 -3.81
N PHE A 47 4.72 -2.22 -2.58
CA PHE A 47 3.76 -2.59 -1.55
C PHE A 47 3.33 -1.38 -0.73
N ILE A 48 2.11 -1.56 -0.19
CA ILE A 48 1.27 -0.57 0.42
C ILE A 48 0.80 -1.01 1.82
N PRO A 49 0.74 -0.09 2.81
CA PRO A 49 0.15 -0.33 4.12
C PRO A 49 -1.32 -0.79 4.09
N LYS A 50 -1.74 -1.45 5.17
CA LYS A 50 -3.13 -1.78 5.45
C LYS A 50 -3.98 -0.53 5.69
N ASN A 51 -3.44 0.46 6.43
CA ASN A 51 -4.10 1.69 6.85
C ASN A 51 -4.35 2.67 5.69
N TYR A 52 -3.32 2.98 4.91
CA TYR A 52 -3.32 4.01 3.85
C TYR A 52 -4.25 3.70 2.67
N ILE A 53 -4.63 2.43 2.45
CA ILE A 53 -5.50 2.01 1.35
C ILE A 53 -6.93 1.71 1.84
N GLU A 54 -7.91 1.75 0.92
CA GLU A 54 -9.32 1.41 1.12
C GLU A 54 -9.50 -0.10 0.92
N MET A 55 -8.94 -0.85 1.87
CA MET A 55 -8.79 -2.30 1.83
C MET A 55 -10.13 -3.05 1.64
N LYS A 56 -10.10 -4.15 0.88
CA LYS A 56 -11.26 -4.96 0.53
C LYS A 56 -11.46 -6.07 1.57
N VAL B 1 -1.90 14.84 9.12
CA VAL B 1 -1.03 13.80 9.74
C VAL B 1 -1.50 12.39 9.34
N PRO B 2 -0.90 11.76 8.31
CA PRO B 2 -1.25 10.42 7.85
C PRO B 2 -1.16 9.32 8.94
N PRO B 3 -1.83 8.17 8.75
CA PRO B 3 -1.76 7.01 9.65
C PRO B 3 -0.32 6.54 9.97
N PRO B 4 -0.11 5.80 11.07
CA PRO B 4 1.17 5.15 11.36
C PRO B 4 1.42 4.03 10.35
N VAL B 5 2.63 4.02 9.74
CA VAL B 5 3.05 3.02 8.77
C VAL B 5 3.33 1.69 9.51
N PRO B 6 2.56 0.60 9.27
CA PRO B 6 2.69 -0.67 9.99
C PRO B 6 4.04 -1.38 9.79
N PRO B 7 4.42 -2.30 10.69
CA PRO B 7 5.63 -3.11 10.55
C PRO B 7 5.43 -4.21 9.48
N ARG B 8 6.50 -4.49 8.71
CA ARG B 8 6.57 -5.58 7.75
C ARG B 8 6.60 -6.97 8.42
N ARG B 9 7.23 -7.05 9.61
CA ARG B 9 7.59 -8.25 10.37
C ARG B 9 8.93 -8.84 9.87
N ARG B 10 9.59 -9.63 10.73
CA ARG B 10 10.83 -10.33 10.45
C ARG B 10 10.96 -11.54 11.38
N MET A 1 -7.44 -8.32 -6.00
CA MET A 1 -8.45 -7.57 -5.25
C MET A 1 -8.03 -6.11 -5.11
N GLU A 2 -8.18 -5.32 -6.20
CA GLU A 2 -7.78 -3.92 -6.27
C GLU A 2 -8.31 -3.08 -5.09
N ALA A 3 -7.48 -2.12 -4.63
CA ALA A 3 -7.69 -1.36 -3.40
C ALA A 3 -7.59 0.15 -3.64
N ILE A 4 -8.49 0.93 -3.01
CA ILE A 4 -8.56 2.38 -3.09
C ILE A 4 -7.51 3.01 -2.17
N ALA A 5 -6.67 3.92 -2.70
CA ALA A 5 -5.73 4.70 -1.91
C ALA A 5 -6.47 5.60 -0.92
N LYS A 6 -6.25 5.40 0.39
CA LYS A 6 -6.95 6.08 1.47
C LYS A 6 -6.22 7.37 1.88
N VAL A 7 -4.89 7.31 2.02
CA VAL A 7 -4.03 8.44 2.37
C VAL A 7 -2.75 8.45 1.49
N ASP A 8 -2.25 9.66 1.19
CA ASP A 8 -1.00 9.92 0.47
C ASP A 8 0.21 9.38 1.24
N PHE A 9 0.81 8.28 0.73
CA PHE A 9 1.89 7.54 1.39
C PHE A 9 3.26 8.01 0.88
N LYS A 10 4.15 8.37 1.82
CA LYS A 10 5.46 8.98 1.57
C LYS A 10 6.55 7.89 1.59
N ALA A 11 6.60 7.09 0.52
CA ALA A 11 7.51 5.96 0.36
C ALA A 11 8.93 6.41 -0.01
N THR A 12 9.67 6.97 0.96
CA THR A 12 11.07 7.36 0.81
C THR A 12 12.01 6.17 1.01
N ALA A 13 11.79 5.08 0.24
CA ALA A 13 12.52 3.82 0.33
C ALA A 13 12.17 2.91 -0.86
N ASP A 14 13.15 2.14 -1.36
CA ASP A 14 13.02 1.17 -2.45
C ASP A 14 12.43 -0.16 -1.95
N ASP A 15 11.19 -0.08 -1.42
CA ASP A 15 10.41 -1.18 -0.86
C ASP A 15 8.94 -0.74 -0.80
N GLU A 16 8.66 0.32 -0.04
CA GLU A 16 7.38 1.03 0.00
C GLU A 16 7.02 1.60 -1.39
N LEU A 17 5.71 1.76 -1.66
CA LEU A 17 5.15 2.23 -2.93
C LEU A 17 4.68 3.68 -2.81
N SER A 18 5.11 4.56 -3.72
CA SER A 18 4.69 5.97 -3.77
C SER A 18 3.31 6.08 -4.43
N PHE A 19 2.26 6.39 -3.65
CA PHE A 19 0.89 6.63 -4.14
C PHE A 19 0.19 7.76 -3.37
N LYS A 20 -0.87 8.32 -3.99
CA LYS A 20 -1.61 9.49 -3.50
C LYS A 20 -2.87 9.03 -2.74
N ARG A 21 -4.06 9.48 -3.16
CA ARG A 21 -5.33 9.23 -2.49
C ARG A 21 -6.47 9.36 -3.50
N GLY A 22 -7.45 8.44 -3.44
CA GLY A 22 -8.50 8.28 -4.45
C GLY A 22 -8.07 7.42 -5.66
N ASP A 23 -6.78 7.02 -5.74
CA ASP A 23 -6.24 6.10 -6.73
C ASP A 23 -6.86 4.70 -6.57
N ILE A 24 -6.57 3.82 -7.53
CA ILE A 24 -6.92 2.39 -7.50
C ILE A 24 -5.69 1.56 -7.88
N LEU A 25 -5.06 0.91 -6.89
CA LEU A 25 -3.92 0.02 -7.05
C LEU A 25 -4.40 -1.42 -7.27
N LYS A 26 -3.60 -2.21 -8.00
CA LYS A 26 -3.82 -3.63 -8.25
C LYS A 26 -3.13 -4.42 -7.13
N VAL A 27 -3.87 -5.26 -6.38
CA VAL A 27 -3.29 -6.08 -5.31
C VAL A 27 -2.83 -7.42 -5.90
N LEU A 28 -1.62 -7.82 -5.50
CA LEU A 28 -0.91 -9.02 -5.96
C LEU A 28 -0.90 -10.07 -4.84
N ASN A 29 -0.47 -9.68 -3.63
CA ASN A 29 -0.55 -10.51 -2.42
C ASN A 29 -1.89 -10.25 -1.74
N GLU A 30 -2.87 -11.12 -2.02
CA GLU A 30 -4.29 -10.99 -1.67
C GLU A 30 -4.54 -10.77 -0.17
N GLU A 31 -4.31 -11.81 0.64
CA GLU A 31 -4.68 -11.88 2.05
C GLU A 31 -3.76 -11.03 2.94
N SER A 32 -2.48 -11.39 2.98
CA SER A 32 -1.40 -10.77 3.77
C SER A 32 -1.48 -11.11 5.26
N ASP A 33 -0.44 -11.78 5.79
CA ASP A 33 -0.23 -12.00 7.22
C ASP A 33 -0.08 -10.65 7.95
N GLN A 34 0.80 -9.79 7.41
CA GLN A 34 1.08 -8.43 7.86
C GLN A 34 -0.09 -7.48 7.60
N ASN A 35 -0.11 -6.34 8.30
CA ASN A 35 -1.02 -5.23 8.04
C ASN A 35 -0.49 -4.40 6.84
N TRP A 36 -0.26 -5.07 5.72
CA TRP A 36 0.38 -4.58 4.50
C TRP A 36 -0.17 -5.33 3.27
N TYR A 37 0.18 -4.84 2.07
CA TYR A 37 -0.20 -5.43 0.78
C TYR A 37 0.90 -5.20 -0.26
N LYS A 38 1.23 -6.24 -1.05
CA LYS A 38 2.11 -6.12 -2.20
C LYS A 38 1.21 -5.78 -3.40
N ALA A 39 1.32 -4.54 -3.90
CA ALA A 39 0.44 -3.97 -4.92
C ALA A 39 1.25 -3.23 -5.99
N GLU A 40 0.57 -2.86 -7.09
CA GLU A 40 1.19 -2.34 -8.30
C GLU A 40 0.29 -1.34 -9.05
N LEU A 41 0.90 -0.22 -9.48
CA LEU A 41 0.33 0.78 -10.40
C LEU A 41 1.05 0.68 -11.75
N ASN A 42 0.57 1.46 -12.74
CA ASN A 42 0.99 1.53 -14.15
C ASN A 42 2.33 0.86 -14.48
N GLY A 43 3.41 1.35 -13.86
CA GLY A 43 4.74 0.72 -13.87
C GLY A 43 5.48 1.00 -12.54
N LYS A 44 4.81 0.76 -11.40
CA LYS A 44 5.33 1.02 -10.06
C LYS A 44 4.78 -0.04 -9.08
N ASP A 45 5.56 -1.09 -8.82
CA ASP A 45 5.31 -2.12 -7.79
C ASP A 45 5.95 -1.72 -6.44
N GLY A 46 5.30 -2.10 -5.33
CA GLY A 46 5.84 -1.90 -3.98
C GLY A 46 4.85 -2.30 -2.88
N PHE A 47 5.24 -2.06 -1.63
CA PHE A 47 4.49 -2.42 -0.42
C PHE A 47 3.61 -1.23 0.03
N ILE A 48 2.40 -1.54 0.53
CA ILE A 48 1.32 -0.61 0.82
C ILE A 48 0.69 -0.94 2.18
N PRO A 49 0.81 -0.07 3.21
CA PRO A 49 0.16 -0.25 4.52
C PRO A 49 -1.35 -0.43 4.42
N LYS A 50 -1.92 -1.24 5.34
CA LYS A 50 -3.36 -1.40 5.51
C LYS A 50 -4.05 -0.08 5.91
N ASN A 51 -3.40 0.73 6.76
CA ASN A 51 -3.92 2.00 7.27
C ASN A 51 -4.05 3.07 6.16
N TYR A 52 -3.15 3.07 5.17
CA TYR A 52 -3.13 4.00 4.03
C TYR A 52 -3.97 3.51 2.83
N ILE A 53 -4.75 2.41 2.96
CA ILE A 53 -5.55 1.82 1.88
C ILE A 53 -6.92 1.35 2.39
N GLU A 54 -7.91 1.30 1.48
CA GLU A 54 -9.23 0.70 1.67
C GLU A 54 -9.33 -0.45 0.65
N MET A 55 -9.52 -1.70 1.13
CA MET A 55 -9.60 -2.87 0.26
C MET A 55 -10.81 -2.78 -0.68
N LYS A 56 -12.00 -3.10 -0.17
CA LYS A 56 -13.28 -2.96 -0.87
C LYS A 56 -14.41 -2.68 0.14
N VAL B 1 -2.30 14.98 10.36
CA VAL B 1 -1.37 13.93 10.82
C VAL B 1 -1.75 12.57 10.20
N PRO B 2 -1.00 12.06 9.19
CA PRO B 2 -1.25 10.77 8.55
C PRO B 2 -1.27 9.59 9.53
N PRO B 3 -1.91 8.45 9.18
CA PRO B 3 -1.94 7.24 10.02
C PRO B 3 -0.54 6.70 10.37
N PRO B 4 -0.43 5.88 11.44
CA PRO B 4 0.81 5.16 11.75
C PRO B 4 1.08 4.07 10.69
N VAL B 5 2.37 3.74 10.49
CA VAL B 5 2.84 2.75 9.54
C VAL B 5 3.22 1.47 10.33
N PRO B 6 2.51 0.33 10.16
CA PRO B 6 2.82 -0.91 10.87
C PRO B 6 4.23 -1.45 10.57
N PRO B 7 4.89 -2.11 11.54
CA PRO B 7 6.23 -2.69 11.35
C PRO B 7 6.16 -3.95 10.47
N ARG B 8 7.13 -4.10 9.55
CA ARG B 8 7.24 -5.25 8.64
C ARG B 8 8.13 -6.35 9.24
N ARG B 9 7.82 -7.61 8.90
CA ARG B 9 8.53 -8.82 9.30
C ARG B 9 9.89 -8.88 8.59
N ARG B 10 10.98 -8.88 9.38
CA ARG B 10 12.36 -8.99 8.90
C ARG B 10 12.76 -10.47 8.79
N MET A 1 -7.09 -4.75 -2.26
CA MET A 1 -7.46 -5.59 -3.40
C MET A 1 -8.19 -4.72 -4.43
N GLU A 2 -7.40 -4.09 -5.32
CA GLU A 2 -7.86 -3.12 -6.33
C GLU A 2 -8.69 -2.01 -5.67
N ALA A 3 -8.13 -1.40 -4.62
CA ALA A 3 -8.79 -0.47 -3.72
C ALA A 3 -8.24 0.95 -3.84
N ILE A 4 -9.13 1.94 -3.72
CA ILE A 4 -8.83 3.37 -3.59
C ILE A 4 -7.83 3.59 -2.44
N ALA A 5 -6.74 4.32 -2.71
CA ALA A 5 -5.81 4.81 -1.70
C ALA A 5 -6.52 5.75 -0.71
N LYS A 6 -6.29 5.57 0.59
CA LYS A 6 -7.02 6.25 1.66
C LYS A 6 -6.35 7.58 2.03
N VAL A 7 -5.03 7.56 2.27
CA VAL A 7 -4.22 8.73 2.64
C VAL A 7 -2.89 8.76 1.88
N ASP A 8 -2.29 9.95 1.74
CA ASP A 8 -0.98 10.17 1.14
C ASP A 8 0.11 9.36 1.88
N PHE A 9 0.87 8.56 1.14
CA PHE A 9 1.98 7.76 1.64
C PHE A 9 3.16 7.86 0.66
N LYS A 10 4.26 8.47 1.10
CA LYS A 10 5.40 8.86 0.27
C LYS A 10 6.70 8.37 0.91
N ALA A 11 7.07 7.11 0.63
CA ALA A 11 8.28 6.47 1.14
C ALA A 11 9.54 6.91 0.35
N THR A 12 10.72 6.65 0.94
CA THR A 12 12.03 6.98 0.38
C THR A 12 12.94 5.73 0.38
N ALA A 13 12.45 4.62 -0.18
CA ALA A 13 13.15 3.35 -0.29
C ALA A 13 12.59 2.51 -1.45
N ASP A 14 13.47 1.85 -2.21
CA ASP A 14 13.15 1.10 -3.43
C ASP A 14 12.58 -0.29 -3.10
N ASP A 15 11.40 -0.30 -2.46
CA ASP A 15 10.66 -1.46 -1.97
C ASP A 15 9.24 -1.07 -1.53
N GLU A 16 9.11 0.07 -0.85
CA GLU A 16 7.85 0.63 -0.34
C GLU A 16 7.13 1.41 -1.45
N LEU A 17 6.00 0.86 -1.93
CA LEU A 17 5.17 1.45 -2.97
C LEU A 17 4.41 2.68 -2.42
N SER A 18 4.63 3.83 -3.05
CA SER A 18 4.08 5.14 -2.69
C SER A 18 2.87 5.51 -3.56
N PHE A 19 1.98 6.36 -3.03
CA PHE A 19 0.68 6.72 -3.61
C PHE A 19 0.05 7.94 -2.92
N LYS A 20 -0.98 8.51 -3.55
CA LYS A 20 -1.72 9.68 -3.08
C LYS A 20 -3.04 9.27 -2.40
N ARG A 21 -4.14 9.25 -3.16
CA ARG A 21 -5.52 9.09 -2.68
C ARG A 21 -6.44 8.95 -3.90
N GLY A 22 -7.27 7.88 -3.93
CA GLY A 22 -8.04 7.48 -5.09
C GLY A 22 -7.29 6.44 -5.94
N ASP A 23 -5.94 6.51 -5.96
CA ASP A 23 -5.01 5.60 -6.60
C ASP A 23 -5.43 4.14 -6.38
N ILE A 24 -5.73 3.39 -7.46
CA ILE A 24 -6.16 2.00 -7.39
C ILE A 24 -4.93 1.08 -7.19
N LEU A 25 -4.78 0.52 -5.98
CA LEU A 25 -3.67 -0.35 -5.63
C LEU A 25 -4.06 -1.80 -5.96
N LYS A 26 -3.38 -2.37 -6.97
CA LYS A 26 -3.65 -3.68 -7.57
C LYS A 26 -2.83 -4.72 -6.78
N VAL A 27 -3.51 -5.58 -6.02
CA VAL A 27 -2.88 -6.59 -5.17
C VAL A 27 -2.68 -7.89 -5.95
N LEU A 28 -1.64 -8.63 -5.57
CA LEU A 28 -1.18 -9.82 -6.28
C LEU A 28 -1.88 -11.07 -5.72
N ASN A 29 -1.17 -11.91 -4.94
CA ASN A 29 -1.71 -13.15 -4.37
C ASN A 29 -1.01 -13.45 -3.03
N GLU A 30 0.24 -13.91 -3.09
CA GLU A 30 1.07 -14.21 -1.92
C GLU A 30 1.64 -12.91 -1.35
N GLU A 31 0.79 -12.15 -0.64
CA GLU A 31 1.16 -10.94 0.10
C GLU A 31 2.12 -11.25 1.25
N SER A 32 1.87 -12.35 1.98
CA SER A 32 2.67 -12.89 3.09
C SER A 32 2.60 -11.99 4.34
N ASP A 33 3.13 -10.78 4.22
CA ASP A 33 3.13 -9.71 5.21
C ASP A 33 1.70 -9.15 5.35
N GLN A 34 0.88 -9.78 6.20
CA GLN A 34 -0.49 -9.35 6.49
C GLN A 34 -0.48 -8.15 7.46
N ASN A 35 0.03 -7.03 6.94
CA ASN A 35 0.39 -5.78 7.62
C ASN A 35 0.72 -4.72 6.57
N TRP A 36 1.48 -5.10 5.52
CA TRP A 36 1.73 -4.32 4.31
C TRP A 36 1.63 -5.26 3.09
N TYR A 37 0.78 -4.96 2.10
CA TYR A 37 0.49 -5.88 1.00
C TYR A 37 1.47 -5.70 -0.16
N LYS A 38 1.69 -6.77 -0.94
CA LYS A 38 2.49 -6.74 -2.16
C LYS A 38 1.55 -6.40 -3.32
N ALA A 39 1.68 -5.16 -3.83
CA ALA A 39 0.76 -4.54 -4.78
C ALA A 39 1.50 -3.71 -5.84
N GLU A 40 0.71 -3.15 -6.78
CA GLU A 40 1.17 -2.46 -7.99
C GLU A 40 0.31 -1.22 -8.30
N LEU A 41 0.84 -0.41 -9.24
CA LEU A 41 0.17 0.72 -9.89
C LEU A 41 0.38 0.61 -11.41
N ASN A 42 -0.08 1.64 -12.14
CA ASN A 42 0.07 1.82 -13.59
C ASN A 42 1.48 1.48 -14.11
N GLY A 43 2.52 1.90 -13.37
CA GLY A 43 3.91 1.56 -13.63
C GLY A 43 4.79 1.70 -12.39
N LYS A 44 4.37 1.10 -11.26
CA LYS A 44 5.15 0.96 -10.02
C LYS A 44 4.78 -0.34 -9.30
N ASP A 45 5.68 -0.80 -8.42
CA ASP A 45 5.62 -2.08 -7.71
C ASP A 45 6.14 -1.90 -6.26
N GLY A 46 5.57 -2.64 -5.29
CA GLY A 46 6.12 -2.70 -3.93
C GLY A 46 5.08 -2.86 -2.82
N PHE A 47 5.51 -2.59 -1.56
CA PHE A 47 4.75 -2.78 -0.33
C PHE A 47 3.92 -1.53 0.03
N ILE A 48 2.62 -1.70 0.28
CA ILE A 48 1.67 -0.67 0.71
C ILE A 48 1.22 -0.92 2.16
N PRO A 49 1.14 0.10 3.03
CA PRO A 49 0.52 -0.03 4.35
C PRO A 49 -0.93 -0.52 4.24
N LYS A 50 -1.25 -1.68 4.85
CA LYS A 50 -2.57 -2.32 4.82
C LYS A 50 -3.73 -1.38 5.19
N ASN A 51 -3.50 -0.49 6.16
CA ASN A 51 -4.48 0.48 6.66
C ASN A 51 -4.83 1.57 5.60
N TYR A 52 -3.86 1.99 4.77
CA TYR A 52 -3.99 3.15 3.89
C TYR A 52 -4.64 2.84 2.53
N ILE A 53 -5.68 1.98 2.54
CA ILE A 53 -6.57 1.70 1.41
C ILE A 53 -8.02 1.59 1.91
N GLU A 54 -8.97 1.74 0.97
CA GLU A 54 -10.41 1.69 1.21
C GLU A 54 -10.85 0.27 1.56
N MET A 55 -11.03 -0.58 0.53
CA MET A 55 -11.27 -2.02 0.62
C MET A 55 -12.46 -2.36 1.55
N LYS A 56 -13.67 -2.30 0.99
CA LYS A 56 -14.93 -2.52 1.71
C LYS A 56 -15.27 -4.02 1.63
N VAL B 1 -1.15 15.73 13.24
CA VAL B 1 -0.24 14.62 12.86
C VAL B 1 -0.94 13.60 11.93
N PRO B 2 -0.19 12.95 11.01
CA PRO B 2 -0.74 11.93 10.10
C PRO B 2 -1.02 10.61 10.83
N PRO B 3 -1.77 9.67 10.22
CA PRO B 3 -2.03 8.34 10.78
C PRO B 3 -0.76 7.54 11.12
N PRO B 4 -0.83 6.58 12.07
CA PRO B 4 0.28 5.69 12.41
C PRO B 4 0.44 4.61 11.34
N VAL B 5 1.67 4.42 10.84
CA VAL B 5 2.02 3.39 9.85
C VAL B 5 2.20 2.04 10.58
N PRO B 6 1.51 0.95 10.17
CA PRO B 6 1.70 -0.40 10.70
C PRO B 6 3.17 -0.89 10.67
N PRO B 7 3.52 -1.94 11.46
CA PRO B 7 4.84 -2.58 11.43
C PRO B 7 5.27 -2.93 10.00
N ARG B 8 6.49 -2.53 9.61
CA ARG B 8 7.00 -2.58 8.23
C ARG B 8 6.85 -3.96 7.56
N ARG B 9 7.46 -4.99 8.15
CA ARG B 9 7.38 -6.38 7.73
C ARG B 9 7.23 -7.29 8.96
N ARG B 10 6.06 -7.22 9.62
CA ARG B 10 5.69 -8.07 10.76
C ARG B 10 4.15 -8.12 10.88
N MET A 1 -8.84 -7.88 -5.63
CA MET A 1 -9.57 -7.21 -4.56
C MET A 1 -8.94 -5.85 -4.24
N GLU A 2 -8.87 -4.96 -5.25
CA GLU A 2 -8.18 -3.67 -5.22
C GLU A 2 -8.68 -2.72 -4.12
N ALA A 3 -7.88 -1.68 -3.83
CA ALA A 3 -8.13 -0.67 -2.80
C ALA A 3 -7.73 0.72 -3.31
N ILE A 4 -8.57 1.73 -3.06
CA ILE A 4 -8.32 3.13 -3.43
C ILE A 4 -7.51 3.79 -2.30
N ALA A 5 -6.39 4.44 -2.65
CA ALA A 5 -5.55 5.19 -1.72
C ALA A 5 -6.39 6.20 -0.90
N LYS A 6 -6.41 6.00 0.42
CA LYS A 6 -7.20 6.74 1.40
C LYS A 6 -6.43 7.96 1.91
N VAL A 7 -5.12 7.79 2.18
CA VAL A 7 -4.19 8.84 2.59
C VAL A 7 -2.92 8.78 1.72
N ASP A 8 -2.34 9.94 1.45
CA ASP A 8 -1.14 10.12 0.63
C ASP A 8 0.07 9.47 1.33
N PHE A 9 0.53 8.31 0.82
CA PHE A 9 1.61 7.52 1.38
C PHE A 9 2.92 7.76 0.61
N LYS A 10 3.82 8.56 1.21
CA LYS A 10 5.14 8.85 0.65
C LYS A 10 6.15 7.81 1.17
N ALA A 11 6.28 6.68 0.46
CA ALA A 11 7.22 5.60 0.83
C ALA A 11 8.69 6.05 0.66
N THR A 12 9.55 5.59 1.59
CA THR A 12 10.98 5.93 1.63
C THR A 12 11.81 4.95 0.79
N ALA A 13 11.94 3.70 1.24
CA ALA A 13 12.76 2.66 0.64
C ALA A 13 12.18 2.13 -0.69
N ASP A 14 13.07 1.65 -1.57
CA ASP A 14 12.75 1.11 -2.90
C ASP A 14 12.25 -0.35 -2.82
N ASP A 15 11.14 -0.55 -2.08
CA ASP A 15 10.39 -1.79 -1.93
C ASP A 15 8.94 -1.48 -1.55
N GLU A 16 8.74 -0.58 -0.57
CA GLU A 16 7.46 0.01 -0.22
C GLU A 16 6.97 0.92 -1.36
N LEU A 17 5.78 0.63 -1.91
CA LEU A 17 5.16 1.37 -3.01
C LEU A 17 4.57 2.68 -2.50
N SER A 18 5.01 3.81 -3.08
CA SER A 18 4.51 5.16 -2.80
C SER A 18 3.25 5.44 -3.63
N PHE A 19 2.30 6.21 -3.07
CA PHE A 19 1.06 6.58 -3.77
C PHE A 19 0.39 7.82 -3.17
N LYS A 20 -0.39 8.52 -4.01
CA LYS A 20 -1.23 9.68 -3.68
C LYS A 20 -2.66 9.19 -3.39
N ARG A 21 -3.40 9.91 -2.52
CA ARG A 21 -4.84 9.72 -2.30
C ARG A 21 -5.60 9.75 -3.63
N GLY A 22 -6.38 8.68 -3.91
CA GLY A 22 -7.12 8.48 -5.15
C GLY A 22 -6.53 7.39 -6.05
N ASP A 23 -5.21 7.17 -6.02
CA ASP A 23 -4.51 6.16 -6.82
C ASP A 23 -5.06 4.76 -6.53
N ILE A 24 -5.47 4.04 -7.57
CA ILE A 24 -5.99 2.67 -7.48
C ILE A 24 -4.84 1.67 -7.31
N LEU A 25 -4.66 1.14 -6.09
CA LEU A 25 -3.69 0.10 -5.76
C LEU A 25 -4.37 -1.27 -5.94
N LYS A 26 -3.99 -2.00 -7.00
CA LYS A 26 -4.50 -3.33 -7.29
C LYS A 26 -3.59 -4.37 -6.62
N VAL A 27 -4.14 -5.14 -5.67
CA VAL A 27 -3.41 -6.13 -4.89
C VAL A 27 -3.44 -7.47 -5.64
N LEU A 28 -2.26 -8.08 -5.77
CA LEU A 28 -2.01 -9.24 -6.62
C LEU A 28 -2.28 -10.52 -5.83
N ASN A 29 -1.34 -10.93 -4.95
CA ASN A 29 -1.52 -12.02 -4.00
C ASN A 29 -0.69 -11.78 -2.73
N GLU A 30 -1.12 -12.35 -1.60
CA GLU A 30 -0.38 -12.41 -0.35
C GLU A 30 0.95 -13.16 -0.56
N GLU A 31 2.02 -12.69 0.10
CA GLU A 31 3.40 -13.12 -0.11
C GLU A 31 4.07 -13.63 1.17
N SER A 32 3.99 -12.85 2.25
CA SER A 32 4.57 -13.16 3.56
C SER A 32 3.85 -12.32 4.64
N ASP A 33 4.29 -11.07 4.81
CA ASP A 33 3.77 -10.14 5.79
C ASP A 33 2.48 -9.47 5.27
N GLN A 34 1.37 -10.22 5.26
CA GLN A 34 0.04 -9.82 4.80
C GLN A 34 -0.44 -8.45 5.29
N ASN A 35 0.06 -7.97 6.45
CA ASN A 35 -0.10 -6.62 6.99
C ASN A 35 0.13 -5.53 5.91
N TRP A 36 1.10 -5.77 5.02
CA TRP A 36 1.35 -4.99 3.81
C TRP A 36 1.30 -5.90 2.58
N TYR A 37 0.51 -5.54 1.57
CA TYR A 37 0.35 -6.34 0.34
C TYR A 37 1.34 -5.89 -0.73
N LYS A 38 1.96 -6.82 -1.47
CA LYS A 38 2.86 -6.46 -2.55
C LYS A 38 2.03 -6.28 -3.82
N ALA A 39 1.43 -5.08 -3.91
CA ALA A 39 0.47 -4.67 -4.91
C ALA A 39 1.15 -4.05 -6.13
N GLU A 40 0.33 -3.51 -7.03
CA GLU A 40 0.75 -2.69 -8.15
C GLU A 40 -0.33 -1.64 -8.47
N LEU A 41 0.09 -0.36 -8.57
CA LEU A 41 -0.74 0.75 -9.00
C LEU A 41 -1.32 0.46 -10.39
N ASN A 42 -0.43 0.35 -11.39
CA ASN A 42 -0.72 -0.14 -12.73
C ASN A 42 0.57 -0.59 -13.44
N GLY A 43 1.64 0.21 -13.34
CA GLY A 43 3.00 -0.13 -13.75
C GLY A 43 4.04 0.30 -12.70
N LYS A 44 3.72 0.13 -11.41
CA LYS A 44 4.55 0.47 -10.26
C LYS A 44 4.23 -0.50 -9.12
N ASP A 45 5.05 -1.55 -8.94
CA ASP A 45 4.86 -2.61 -7.95
C ASP A 45 5.57 -2.30 -6.61
N GLY A 46 5.07 -2.89 -5.51
CA GLY A 46 5.69 -2.82 -4.18
C GLY A 46 4.68 -2.92 -3.03
N PHE A 47 5.14 -2.72 -1.79
CA PHE A 47 4.38 -2.98 -0.56
C PHE A 47 3.57 -1.75 -0.10
N ILE A 48 2.24 -1.95 0.04
CA ILE A 48 1.26 -0.96 0.50
C ILE A 48 0.87 -1.31 1.95
N PRO A 49 0.81 -0.34 2.88
CA PRO A 49 0.32 -0.57 4.24
C PRO A 49 -1.20 -0.68 4.25
N LYS A 50 -1.75 -1.65 5.01
CA LYS A 50 -3.20 -1.78 5.21
C LYS A 50 -3.69 -0.75 6.25
N ASN A 51 -3.60 0.54 5.88
CA ASN A 51 -3.93 1.69 6.73
C ASN A 51 -4.20 2.94 5.87
N TYR A 52 -3.24 3.29 5.00
CA TYR A 52 -3.35 4.42 4.06
C TYR A 52 -4.23 4.10 2.83
N ILE A 53 -5.00 3.00 2.84
CA ILE A 53 -5.83 2.52 1.73
C ILE A 53 -7.29 2.26 2.17
N GLU A 54 -8.21 2.31 1.21
CA GLU A 54 -9.65 2.13 1.34
C GLU A 54 -10.01 0.76 0.75
N MET A 55 -10.15 -0.27 1.62
CA MET A 55 -10.35 -1.65 1.22
C MET A 55 -11.70 -1.85 0.51
N LYS A 56 -11.68 -1.79 -0.82
CA LYS A 56 -12.87 -1.85 -1.69
C LYS A 56 -13.18 -3.31 -2.07
N VAL B 1 -0.05 15.21 13.22
CA VAL B 1 0.51 13.85 13.27
C VAL B 1 -0.21 12.93 12.26
N PRO B 2 0.49 12.27 11.32
CA PRO B 2 -0.11 11.41 10.31
C PRO B 2 -0.58 10.07 10.89
N PRO B 3 -1.39 9.28 10.17
CA PRO B 3 -1.86 7.95 10.61
C PRO B 3 -0.70 7.01 10.98
N PRO B 4 -0.84 6.20 12.05
CA PRO B 4 0.18 5.24 12.45
C PRO B 4 0.21 4.08 11.44
N VAL B 5 1.32 3.95 10.70
CA VAL B 5 1.48 2.93 9.67
C VAL B 5 1.85 1.58 10.30
N PRO B 6 1.09 0.48 10.05
CA PRO B 6 1.37 -0.86 10.58
C PRO B 6 2.80 -1.35 10.35
N PRO B 7 3.32 -2.27 11.18
CA PRO B 7 4.61 -2.92 10.96
C PRO B 7 4.50 -4.01 9.88
N ARG B 8 5.62 -4.29 9.19
CA ARG B 8 5.76 -5.43 8.29
C ARG B 8 6.13 -6.68 9.12
N ARG B 9 7.35 -6.67 9.65
CA ARG B 9 7.91 -7.71 10.54
C ARG B 9 8.99 -7.10 11.44
N ARG B 10 9.02 -7.52 12.71
CA ARG B 10 9.99 -7.12 13.73
C ARG B 10 10.79 -8.35 14.19
N MET A 1 -7.66 -8.51 -5.78
CA MET A 1 -8.68 -7.90 -4.94
C MET A 1 -8.37 -6.41 -4.73
N GLU A 2 -8.37 -5.63 -5.83
CA GLU A 2 -7.90 -4.25 -5.89
C GLU A 2 -8.65 -3.30 -4.93
N ALA A 3 -7.97 -2.21 -4.53
CA ALA A 3 -8.41 -1.23 -3.54
C ALA A 3 -8.16 0.20 -4.03
N ILE A 4 -8.66 1.19 -3.27
CA ILE A 4 -8.57 2.63 -3.57
C ILE A 4 -7.71 3.32 -2.50
N ALA A 5 -6.84 4.25 -2.91
CA ALA A 5 -5.95 5.00 -2.03
C ALA A 5 -6.74 5.94 -1.10
N LYS A 6 -6.51 5.81 0.22
CA LYS A 6 -7.17 6.56 1.29
C LYS A 6 -6.41 7.85 1.60
N VAL A 7 -5.08 7.75 1.76
CA VAL A 7 -4.16 8.86 2.04
C VAL A 7 -2.95 8.78 1.07
N ASP A 8 -2.37 9.94 0.72
CA ASP A 8 -1.24 10.07 -0.20
C ASP A 8 0.06 9.53 0.44
N PHE A 9 0.34 8.24 0.21
CA PHE A 9 1.42 7.48 0.82
C PHE A 9 2.81 7.75 0.18
N LYS A 10 3.85 7.71 1.02
CA LYS A 10 5.24 8.01 0.68
C LYS A 10 6.17 7.15 1.57
N ALA A 11 7.26 6.62 0.99
CA ALA A 11 8.33 5.91 1.70
C ALA A 11 9.65 5.91 0.90
N THR A 12 10.73 5.52 1.58
CA THR A 12 12.11 5.48 1.07
C THR A 12 12.60 4.03 0.88
N ALA A 13 12.21 3.11 1.78
CA ALA A 13 12.69 1.72 1.85
C ALA A 13 12.58 0.96 0.52
N ASP A 14 13.50 0.01 0.30
CA ASP A 14 13.65 -0.80 -0.91
C ASP A 14 12.57 -1.91 -0.99
N ASP A 15 11.30 -1.48 -1.06
CA ASP A 15 10.10 -2.30 -1.07
C ASP A 15 8.90 -1.45 -1.52
N GLU A 16 8.73 -0.25 -0.93
CA GLU A 16 7.56 0.61 -1.03
C GLU A 16 7.04 0.87 -2.46
N LEU A 17 5.77 1.29 -2.53
CA LEU A 17 5.09 1.82 -3.70
C LEU A 17 4.28 3.03 -3.23
N SER A 18 4.65 4.21 -3.73
CA SER A 18 4.11 5.52 -3.39
C SER A 18 2.93 5.89 -4.29
N PHE A 19 1.92 6.57 -3.75
CA PHE A 19 0.68 6.89 -4.44
C PHE A 19 -0.03 8.12 -3.83
N LYS A 20 -0.95 8.71 -4.61
CA LYS A 20 -1.83 9.80 -4.21
C LYS A 20 -3.23 9.28 -3.85
N ARG A 21 -4.07 10.14 -3.25
CA ARG A 21 -5.44 9.83 -2.86
C ARG A 21 -6.30 9.53 -4.11
N GLY A 22 -7.09 8.44 -4.07
CA GLY A 22 -7.92 8.00 -5.19
C GLY A 22 -7.27 6.94 -6.09
N ASP A 23 -5.93 6.90 -6.19
CA ASP A 23 -5.16 5.97 -7.03
C ASP A 23 -5.58 4.50 -6.81
N ILE A 24 -5.62 3.75 -7.91
CA ILE A 24 -5.90 2.31 -7.92
C ILE A 24 -4.66 1.52 -7.47
N LEU A 25 -4.80 0.71 -6.41
CA LEU A 25 -3.80 -0.22 -5.91
C LEU A 25 -4.32 -1.64 -6.11
N LYS A 26 -3.82 -2.32 -7.15
CA LYS A 26 -4.15 -3.68 -7.55
C LYS A 26 -3.20 -4.63 -6.81
N VAL A 27 -3.69 -5.36 -5.80
CA VAL A 27 -2.87 -6.14 -4.88
C VAL A 27 -2.66 -7.56 -5.43
N LEU A 28 -1.39 -7.93 -5.59
CA LEU A 28 -0.96 -9.15 -6.28
C LEU A 28 -0.74 -10.28 -5.26
N ASN A 29 0.29 -10.15 -4.40
CA ASN A 29 0.74 -11.19 -3.49
C ASN A 29 1.37 -10.59 -2.21
N GLU A 30 1.53 -11.45 -1.19
CA GLU A 30 2.22 -11.17 0.07
C GLU A 30 2.29 -12.49 0.87
N GLU A 31 1.40 -12.69 1.86
CA GLU A 31 1.29 -13.90 2.67
C GLU A 31 -0.18 -14.34 2.76
N SER A 32 -1.05 -13.43 3.20
CA SER A 32 -2.49 -13.63 3.37
C SER A 32 -3.20 -12.27 3.46
N ASP A 33 -3.06 -11.59 4.60
CA ASP A 33 -3.61 -10.27 4.89
C ASP A 33 -2.68 -9.51 5.86
N GLN A 34 -1.39 -9.48 5.51
CA GLN A 34 -0.28 -8.90 6.26
C GLN A 34 -0.38 -7.37 6.38
N ASN A 35 0.44 -6.79 7.27
CA ASN A 35 0.66 -5.35 7.44
C ASN A 35 1.02 -4.61 6.14
N TRP A 36 1.52 -5.31 5.10
CA TRP A 36 1.79 -4.74 3.78
C TRP A 36 1.47 -5.76 2.67
N TYR A 37 0.92 -5.27 1.55
CA TYR A 37 0.57 -6.03 0.35
C TYR A 37 1.48 -5.59 -0.80
N LYS A 38 1.93 -6.50 -1.67
CA LYS A 38 2.68 -6.10 -2.87
C LYS A 38 1.69 -5.84 -4.02
N ALA A 39 1.46 -4.56 -4.34
CA ALA A 39 0.52 -4.08 -5.35
C ALA A 39 1.22 -3.52 -6.60
N GLU A 40 0.39 -3.27 -7.61
CA GLU A 40 0.67 -2.63 -8.89
C GLU A 40 -0.21 -1.38 -9.02
N LEU A 41 0.38 -0.21 -9.27
CA LEU A 41 -0.33 1.02 -9.59
C LEU A 41 -0.82 0.93 -11.04
N ASN A 42 0.14 0.99 -11.98
CA ASN A 42 0.00 0.72 -13.42
C ASN A 42 1.36 0.81 -14.12
N GLY A 43 2.03 1.96 -13.98
CA GLY A 43 3.37 2.23 -14.47
C GLY A 43 4.48 1.70 -13.55
N LYS A 44 4.17 1.40 -12.27
CA LYS A 44 5.10 0.94 -11.26
C LYS A 44 4.41 0.02 -10.23
N ASP A 45 5.22 -0.79 -9.52
CA ASP A 45 4.78 -1.82 -8.57
C ASP A 45 5.68 -1.85 -7.31
N GLY A 46 5.07 -2.15 -6.16
CA GLY A 46 5.75 -2.31 -4.86
C GLY A 46 4.76 -2.39 -3.69
N PHE A 47 5.24 -2.22 -2.46
CA PHE A 47 4.49 -2.49 -1.23
C PHE A 47 3.70 -1.26 -0.72
N ILE A 48 2.41 -1.47 -0.43
CA ILE A 48 1.47 -0.51 0.17
C ILE A 48 1.24 -0.90 1.64
N PRO A 49 0.98 0.07 2.55
CA PRO A 49 0.73 -0.21 3.97
C PRO A 49 -0.75 -0.53 4.21
N LYS A 50 -1.03 -1.27 5.30
CA LYS A 50 -2.37 -1.59 5.78
C LYS A 50 -2.94 -0.42 6.59
N ASN A 51 -3.05 0.76 5.97
CA ASN A 51 -3.53 2.00 6.60
C ASN A 51 -3.88 3.07 5.55
N TYR A 52 -2.90 3.46 4.72
CA TYR A 52 -3.04 4.47 3.67
C TYR A 52 -3.94 4.01 2.50
N ILE A 53 -4.34 2.73 2.45
CA ILE A 53 -5.29 2.16 1.50
C ILE A 53 -6.70 2.04 2.12
N GLU A 54 -7.73 1.98 1.27
CA GLU A 54 -9.12 1.67 1.61
C GLU A 54 -9.66 0.60 0.65
N MET A 55 -9.98 -0.59 1.19
CA MET A 55 -10.56 -1.71 0.46
C MET A 55 -12.07 -1.56 0.27
N LYS A 56 -12.77 -1.09 1.31
CA LYS A 56 -14.23 -0.90 1.34
C LYS A 56 -14.57 0.26 2.28
N VAL B 1 -4.06 12.77 15.47
CA VAL B 1 -3.33 11.49 15.31
C VAL B 1 -2.93 11.28 13.85
N PRO B 2 -1.65 11.54 13.45
CA PRO B 2 -1.14 11.29 12.10
C PRO B 2 -1.35 9.84 11.63
N PRO B 3 -1.54 9.59 10.32
CA PRO B 3 -1.79 8.27 9.76
C PRO B 3 -0.55 7.36 9.93
N PRO B 4 -0.63 6.27 10.72
CA PRO B 4 0.52 5.45 11.07
C PRO B 4 0.95 4.53 9.91
N VAL B 5 2.27 4.35 9.75
CA VAL B 5 2.89 3.42 8.81
C VAL B 5 3.24 2.11 9.57
N PRO B 6 2.60 0.96 9.25
CA PRO B 6 2.85 -0.32 9.91
C PRO B 6 4.28 -0.86 9.70
N PRO B 7 4.77 -1.78 10.55
CA PRO B 7 6.01 -2.51 10.34
C PRO B 7 5.83 -3.55 9.21
N ARG B 8 6.90 -3.83 8.45
CA ARG B 8 6.87 -4.77 7.33
C ARG B 8 6.68 -6.21 7.82
N ARG B 9 7.73 -6.78 8.42
CA ARG B 9 7.69 -8.06 9.15
C ARG B 9 8.57 -7.90 10.40
N ARG B 10 8.11 -7.06 11.33
CA ARG B 10 8.84 -6.59 12.51
C ARG B 10 9.94 -5.60 12.06
N MET A 1 -8.02 -8.42 -8.87
CA MET A 1 -8.27 -7.89 -7.53
C MET A 1 -7.53 -6.55 -7.33
N GLU A 2 -8.23 -5.56 -6.75
CA GLU A 2 -7.73 -4.20 -6.52
C GLU A 2 -8.40 -3.52 -5.31
N ALA A 3 -7.88 -2.34 -4.96
CA ALA A 3 -8.28 -1.54 -3.79
C ALA A 3 -8.15 -0.03 -4.09
N ILE A 4 -8.91 0.79 -3.37
CA ILE A 4 -8.90 2.25 -3.44
C ILE A 4 -8.15 2.81 -2.22
N ALA A 5 -7.23 3.75 -2.45
CA ALA A 5 -6.49 4.47 -1.40
C ALA A 5 -7.42 5.34 -0.55
N LYS A 6 -7.46 5.08 0.76
CA LYS A 6 -8.31 5.76 1.75
C LYS A 6 -7.60 6.98 2.35
N VAL A 7 -6.30 6.84 2.66
CA VAL A 7 -5.40 7.93 3.05
C VAL A 7 -4.06 7.82 2.28
N ASP A 8 -3.42 8.96 2.00
CA ASP A 8 -2.21 9.06 1.18
C ASP A 8 -0.98 8.53 1.91
N PHE A 9 -0.06 7.90 1.15
CA PHE A 9 1.13 7.20 1.64
C PHE A 9 2.39 7.66 0.89
N LYS A 10 3.40 8.10 1.65
CA LYS A 10 4.76 8.39 1.17
C LYS A 10 5.69 7.21 1.51
N ALA A 11 6.24 6.55 0.49
CA ALA A 11 7.24 5.48 0.64
C ALA A 11 8.59 6.03 1.12
N THR A 12 9.36 5.18 1.82
CA THR A 12 10.70 5.46 2.35
C THR A 12 11.68 4.32 2.03
N ALA A 13 11.27 3.05 2.17
CA ALA A 13 12.09 1.88 1.83
C ALA A 13 12.18 1.67 0.30
N ASP A 14 13.02 0.71 -0.13
CA ASP A 14 13.29 0.42 -1.53
C ASP A 14 12.08 -0.23 -2.24
N ASP A 15 11.67 -1.42 -1.79
CA ASP A 15 10.51 -2.17 -2.32
C ASP A 15 9.21 -1.61 -1.70
N GLU A 16 8.92 -0.32 -1.94
CA GLU A 16 7.85 0.39 -1.26
C GLU A 16 7.19 1.40 -2.21
N LEU A 17 5.90 1.19 -2.50
CA LEU A 17 5.12 1.92 -3.49
C LEU A 17 4.34 3.06 -2.81
N SER A 18 4.57 4.29 -3.26
CA SER A 18 3.89 5.51 -2.82
C SER A 18 2.58 5.70 -3.60
N PHE A 19 1.57 6.32 -2.96
CA PHE A 19 0.27 6.58 -3.57
C PHE A 19 -0.50 7.71 -2.85
N LYS A 20 -1.51 8.26 -3.55
CA LYS A 20 -2.39 9.33 -3.09
C LYS A 20 -3.83 8.80 -2.91
N ARG A 21 -4.64 9.51 -2.13
CA ARG A 21 -6.08 9.25 -1.95
C ARG A 21 -6.82 9.10 -3.29
N GLY A 22 -7.60 8.03 -3.43
CA GLY A 22 -8.36 7.69 -4.63
C GLY A 22 -7.64 6.76 -5.60
N ASP A 23 -6.30 6.67 -5.56
CA ASP A 23 -5.49 5.88 -6.47
C ASP A 23 -5.91 4.40 -6.48
N ILE A 24 -6.05 3.84 -7.68
CA ILE A 24 -6.47 2.47 -7.94
C ILE A 24 -5.25 1.52 -7.88
N LEU A 25 -5.07 0.89 -6.72
CA LEU A 25 -3.99 -0.05 -6.41
C LEU A 25 -4.43 -1.46 -6.79
N LYS A 26 -3.79 -2.05 -7.80
CA LYS A 26 -4.04 -3.42 -8.23
C LYS A 26 -3.10 -4.29 -7.39
N VAL A 27 -3.69 -5.09 -6.48
CA VAL A 27 -2.95 -5.81 -5.46
C VAL A 27 -2.54 -7.19 -5.99
N LEU A 28 -1.31 -7.57 -5.70
CA LEU A 28 -0.58 -8.72 -6.24
C LEU A 28 -0.47 -9.81 -5.15
N ASN A 29 0.07 -9.44 -3.98
CA ASN A 29 0.12 -10.29 -2.79
C ASN A 29 -0.90 -9.77 -1.76
N GLU A 30 -1.91 -10.59 -1.44
CA GLU A 30 -2.88 -10.33 -0.38
C GLU A 30 -2.21 -10.31 1.01
N GLU A 31 -2.85 -9.63 1.98
CA GLU A 31 -2.33 -9.30 3.29
C GLU A 31 -1.65 -10.47 4.01
N SER A 32 -2.46 -11.43 4.49
CA SER A 32 -2.07 -12.57 5.31
C SER A 32 -1.40 -12.12 6.62
N ASP A 33 -0.61 -12.99 7.26
CA ASP A 33 0.22 -12.64 8.41
C ASP A 33 1.48 -11.90 7.93
N GLN A 34 1.30 -10.60 7.64
CA GLN A 34 2.35 -9.68 7.21
C GLN A 34 2.21 -8.33 7.94
N ASN A 35 1.07 -7.66 7.73
CA ASN A 35 0.69 -6.28 8.12
C ASN A 35 0.72 -5.31 6.91
N TRP A 36 1.29 -5.74 5.78
CA TRP A 36 1.37 -5.00 4.52
C TRP A 36 0.97 -5.90 3.33
N TYR A 37 0.59 -5.29 2.20
CA TYR A 37 0.35 -5.94 0.91
C TYR A 37 1.49 -5.63 -0.07
N LYS A 38 1.47 -6.30 -1.24
CA LYS A 38 2.32 -5.97 -2.38
C LYS A 38 1.37 -5.53 -3.52
N ALA A 39 1.50 -4.29 -4.00
CA ALA A 39 0.58 -3.69 -4.97
C ALA A 39 1.31 -2.92 -6.08
N GLU A 40 0.53 -2.38 -7.03
CA GLU A 40 1.01 -1.78 -8.27
C GLU A 40 0.05 -0.67 -8.74
N LEU A 41 0.61 0.45 -9.23
CA LEU A 41 -0.12 1.53 -9.91
C LEU A 41 0.23 1.51 -11.41
N ASN A 42 1.26 2.26 -11.79
CA ASN A 42 1.82 2.41 -13.13
C ASN A 42 2.36 1.10 -13.71
N GLY A 43 3.07 0.32 -12.86
CA GLY A 43 3.86 -0.86 -13.24
C GLY A 43 5.02 -1.14 -12.27
N LYS A 44 5.29 -0.22 -11.32
CA LYS A 44 6.33 -0.32 -10.30
C LYS A 44 5.69 -1.00 -9.08
N ASP A 45 5.99 -2.29 -8.88
CA ASP A 45 5.33 -3.17 -7.93
C ASP A 45 6.01 -3.16 -6.54
N GLY A 46 5.74 -2.11 -5.75
CA GLY A 46 6.21 -1.96 -4.37
C GLY A 46 5.13 -2.30 -3.33
N PHE A 47 5.53 -2.36 -2.04
CA PHE A 47 4.67 -2.74 -0.92
C PHE A 47 3.96 -1.52 -0.30
N ILE A 48 2.79 -1.77 0.32
CA ILE A 48 1.87 -0.76 0.87
C ILE A 48 1.42 -1.15 2.30
N PRO A 49 1.26 -0.19 3.24
CA PRO A 49 0.76 -0.44 4.58
C PRO A 49 -0.75 -0.74 4.57
N LYS A 50 -1.18 -1.77 5.31
CA LYS A 50 -2.56 -2.25 5.38
C LYS A 50 -3.61 -1.15 5.58
N ASN A 51 -3.43 -0.33 6.64
CA ASN A 51 -4.42 0.64 7.12
C ASN A 51 -4.81 1.72 6.10
N TYR A 52 -3.95 2.00 5.10
CA TYR A 52 -4.07 3.14 4.18
C TYR A 52 -5.05 2.92 3.02
N ILE A 53 -5.53 1.69 2.78
CA ILE A 53 -6.42 1.33 1.66
C ILE A 53 -7.78 0.79 2.13
N GLU A 54 -8.70 0.63 1.17
CA GLU A 54 -10.03 0.03 1.35
C GLU A 54 -9.91 -1.50 1.41
N MET A 55 -9.65 -2.12 0.25
CA MET A 55 -9.50 -3.56 0.00
C MET A 55 -10.62 -4.37 0.71
N LYS A 56 -11.82 -4.30 0.13
CA LYS A 56 -13.04 -4.90 0.65
C LYS A 56 -13.20 -6.33 0.11
N VAL B 1 -1.64 16.13 12.74
CA VAL B 1 -0.91 14.84 12.83
C VAL B 1 -1.23 13.93 11.63
N PRO B 2 -0.37 13.88 10.59
CA PRO B 2 -0.54 13.00 9.44
C PRO B 2 -0.67 11.51 9.80
N PRO B 3 -1.22 10.65 8.92
CA PRO B 3 -1.36 9.22 9.12
C PRO B 3 -0.04 8.54 9.56
N PRO B 4 -0.01 7.84 10.72
CA PRO B 4 1.16 7.08 11.18
C PRO B 4 1.24 5.72 10.46
N VAL B 5 2.44 5.33 10.01
CA VAL B 5 2.70 4.14 9.19
C VAL B 5 2.99 2.91 10.09
N PRO B 6 2.15 1.86 10.08
CA PRO B 6 2.45 0.58 10.73
C PRO B 6 3.71 -0.09 10.16
N PRO B 7 4.51 -0.81 10.98
CA PRO B 7 5.79 -1.38 10.56
C PRO B 7 5.61 -2.57 9.61
N ARG B 8 6.49 -2.69 8.61
CA ARG B 8 6.54 -3.82 7.68
C ARG B 8 7.14 -5.08 8.33
N ARG B 9 6.81 -6.25 7.77
CA ARG B 9 7.22 -7.56 8.25
C ARG B 9 8.74 -7.74 8.13
N ARG B 10 9.38 -8.11 9.25
CA ARG B 10 10.79 -8.48 9.32
C ARG B 10 11.06 -9.79 8.57
N MET A 1 -7.95 -8.55 -6.49
CA MET A 1 -8.65 -7.95 -5.37
C MET A 1 -8.23 -6.47 -5.17
N GLU A 2 -8.29 -5.67 -6.24
CA GLU A 2 -7.81 -4.29 -6.28
C GLU A 2 -8.54 -3.36 -5.29
N ALA A 3 -7.80 -2.40 -4.74
CA ALA A 3 -8.25 -1.39 -3.77
C ALA A 3 -8.10 0.03 -4.33
N ILE A 4 -8.45 1.03 -3.51
CA ILE A 4 -8.19 2.46 -3.76
C ILE A 4 -7.36 3.03 -2.61
N ALA A 5 -6.50 4.02 -2.89
CA ALA A 5 -5.75 4.77 -1.90
C ALA A 5 -6.68 5.64 -1.04
N LYS A 6 -6.58 5.53 0.29
CA LYS A 6 -7.34 6.31 1.27
C LYS A 6 -6.52 7.51 1.80
N VAL A 7 -5.20 7.33 1.95
CA VAL A 7 -4.25 8.32 2.46
C VAL A 7 -3.03 8.40 1.52
N ASP A 8 -2.43 9.60 1.39
CA ASP A 8 -1.32 9.88 0.49
C ASP A 8 0.00 9.28 1.02
N PHE A 9 0.22 7.98 0.76
CA PHE A 9 1.43 7.24 1.11
C PHE A 9 2.59 7.63 0.19
N LYS A 10 3.30 8.72 0.52
CA LYS A 10 4.35 9.32 -0.31
C LYS A 10 5.73 8.72 -0.01
N ALA A 11 5.92 7.43 -0.28
CA ALA A 11 7.21 6.73 -0.14
C ALA A 11 8.22 7.16 -1.21
N THR A 12 9.52 7.02 -0.89
CA THR A 12 10.65 7.34 -1.76
C THR A 12 11.70 6.22 -1.70
N ALA A 13 11.29 5.01 -2.10
CA ALA A 13 12.14 3.81 -2.14
C ALA A 13 11.55 2.77 -3.10
N ASP A 14 12.41 2.03 -3.82
CA ASP A 14 12.01 0.98 -4.75
C ASP A 14 11.72 -0.34 -4.00
N ASP A 15 10.75 -0.28 -3.09
CA ASP A 15 10.24 -1.40 -2.28
C ASP A 15 8.84 -0.99 -1.76
N GLU A 16 8.76 0.14 -1.04
CA GLU A 16 7.52 0.79 -0.65
C GLU A 16 6.91 1.42 -1.91
N LEU A 17 5.74 0.93 -2.34
CA LEU A 17 5.12 1.25 -3.64
C LEU A 17 5.12 2.75 -3.98
N SER A 18 4.52 3.56 -3.08
CA SER A 18 4.27 4.99 -3.20
C SER A 18 2.99 5.26 -4.01
N PHE A 19 2.05 6.06 -3.45
CA PHE A 19 0.75 6.34 -4.05
C PHE A 19 0.07 7.57 -3.42
N LYS A 20 -0.99 8.06 -4.09
CA LYS A 20 -1.82 9.20 -3.68
C LYS A 20 -3.31 8.79 -3.68
N ARG A 21 -4.11 9.40 -2.78
CA ARG A 21 -5.54 9.15 -2.59
C ARG A 21 -6.33 9.04 -3.90
N GLY A 22 -7.16 7.98 -4.03
CA GLY A 22 -7.99 7.69 -5.19
C GLY A 22 -7.28 6.92 -6.32
N ASP A 23 -5.94 6.75 -6.26
CA ASP A 23 -5.21 5.90 -7.19
C ASP A 23 -5.61 4.43 -6.95
N ILE A 24 -5.85 3.70 -8.05
CA ILE A 24 -6.26 2.31 -8.04
C ILE A 24 -5.04 1.42 -7.79
N LEU A 25 -5.00 0.74 -6.63
CA LEU A 25 -3.95 -0.19 -6.26
C LEU A 25 -4.34 -1.58 -6.77
N LYS A 26 -3.54 -2.12 -7.69
CA LYS A 26 -3.78 -3.40 -8.36
C LYS A 26 -3.12 -4.47 -7.48
N VAL A 27 -3.90 -5.08 -6.57
CA VAL A 27 -3.41 -5.95 -5.51
C VAL A 27 -3.29 -7.39 -5.97
N LEU A 28 -2.20 -8.03 -5.50
CA LEU A 28 -1.78 -9.39 -5.82
C LEU A 28 -1.97 -10.29 -4.60
N ASN A 29 -1.42 -9.87 -3.45
CA ASN A 29 -1.47 -10.58 -2.16
C ASN A 29 -2.71 -10.16 -1.35
N GLU A 30 -3.35 -11.14 -0.69
CA GLU A 30 -4.47 -10.95 0.22
C GLU A 30 -3.95 -10.42 1.57
N GLU A 31 -4.19 -11.11 2.69
CA GLU A 31 -3.58 -10.84 3.99
C GLU A 31 -2.15 -11.42 4.02
N SER A 32 -2.05 -12.75 4.21
CA SER A 32 -0.81 -13.52 4.25
C SER A 32 0.11 -13.02 5.40
N ASP A 33 1.43 -12.99 5.17
CA ASP A 33 2.41 -12.39 6.06
C ASP A 33 2.33 -10.85 6.04
N GLN A 34 3.11 -10.21 6.92
CA GLN A 34 3.29 -8.77 7.03
C GLN A 34 1.98 -8.02 7.39
N ASN A 35 2.05 -6.68 7.48
CA ASN A 35 0.91 -5.78 7.60
C ASN A 35 0.83 -4.86 6.37
N TRP A 36 1.29 -5.35 5.21
CA TRP A 36 1.35 -4.66 3.93
C TRP A 36 1.09 -5.66 2.79
N TYR A 37 0.42 -5.23 1.73
CA TYR A 37 0.15 -6.06 0.54
C TYR A 37 1.11 -5.70 -0.60
N LYS A 38 1.38 -6.65 -1.51
CA LYS A 38 2.08 -6.39 -2.76
C LYS A 38 1.06 -6.01 -3.84
N ALA A 39 1.29 -4.87 -4.50
CA ALA A 39 0.41 -4.29 -5.51
C ALA A 39 1.20 -3.48 -6.55
N GLU A 40 0.64 -3.38 -7.76
CA GLU A 40 1.20 -2.67 -8.91
C GLU A 40 0.54 -1.30 -9.14
N LEU A 41 1.34 -0.38 -9.69
CA LEU A 41 0.91 0.93 -10.21
C LEU A 41 1.68 1.20 -11.53
N ASN A 42 2.49 2.27 -11.58
CA ASN A 42 3.21 2.74 -12.75
C ASN A 42 4.43 1.85 -13.04
N GLY A 43 4.19 0.65 -13.56
CA GLY A 43 5.21 -0.33 -13.97
C GLY A 43 6.17 -0.73 -12.84
N LYS A 44 5.69 -0.81 -11.59
CA LYS A 44 6.44 -1.31 -10.44
C LYS A 44 5.48 -1.94 -9.42
N ASP A 45 5.83 -3.14 -8.93
CA ASP A 45 5.17 -3.81 -7.82
C ASP A 45 5.89 -3.46 -6.52
N GLY A 46 5.15 -2.96 -5.52
CA GLY A 46 5.68 -2.60 -4.20
C GLY A 46 4.66 -2.75 -3.07
N PHE A 47 5.11 -2.47 -1.84
CA PHE A 47 4.34 -2.70 -0.61
C PHE A 47 3.48 -1.47 -0.25
N ILE A 48 2.22 -1.73 0.13
CA ILE A 48 1.22 -0.73 0.51
C ILE A 48 0.82 -0.95 1.99
N PRO A 49 0.88 0.06 2.88
CA PRO A 49 0.37 -0.06 4.24
C PRO A 49 -1.13 -0.40 4.24
N LYS A 50 -1.51 -1.46 4.97
CA LYS A 50 -2.90 -1.90 5.11
C LYS A 50 -3.85 -0.75 5.54
N ASN A 51 -3.35 0.17 6.39
CA ASN A 51 -4.07 1.34 6.90
C ASN A 51 -4.30 2.43 5.85
N TYR A 52 -3.28 2.73 5.02
CA TYR A 52 -3.30 3.84 4.04
C TYR A 52 -4.20 3.56 2.82
N ILE A 53 -4.60 2.31 2.57
CA ILE A 53 -5.60 1.96 1.56
C ILE A 53 -7.02 1.88 2.15
N GLU A 54 -8.00 1.92 1.25
CA GLU A 54 -9.44 1.83 1.48
C GLU A 54 -9.91 0.37 1.60
N MET A 55 -9.22 -0.56 0.93
CA MET A 55 -9.50 -2.00 0.88
C MET A 55 -10.90 -2.23 0.28
N LYS A 56 -11.05 -1.75 -0.97
CA LYS A 56 -12.32 -1.65 -1.69
C LYS A 56 -12.06 -1.92 -3.18
N VAL B 1 -4.64 12.51 15.71
CA VAL B 1 -3.74 11.33 15.65
C VAL B 1 -3.58 10.84 14.20
N PRO B 2 -2.46 11.17 13.52
CA PRO B 2 -2.16 10.69 12.16
C PRO B 2 -2.21 9.16 12.03
N PRO B 3 -2.56 8.62 10.84
CA PRO B 3 -2.65 7.19 10.59
C PRO B 3 -1.23 6.56 10.61
N PRO B 4 -0.99 5.53 11.44
CA PRO B 4 0.33 4.92 11.59
C PRO B 4 0.66 3.99 10.42
N VAL B 5 1.96 3.93 10.04
CA VAL B 5 2.51 3.01 9.06
C VAL B 5 3.03 1.77 9.81
N PRO B 6 2.46 0.57 9.61
CA PRO B 6 2.91 -0.67 10.26
C PRO B 6 4.37 -1.05 9.94
N PRO B 7 5.00 -1.94 10.73
CA PRO B 7 6.32 -2.49 10.43
C PRO B 7 6.41 -3.08 9.01
N ARG B 8 7.47 -2.73 8.26
CA ARG B 8 7.69 -3.12 6.86
C ARG B 8 7.54 -4.64 6.66
N ARG B 9 8.44 -5.40 7.29
CA ARG B 9 8.47 -6.86 7.31
C ARG B 9 8.73 -7.31 8.75
N ARG B 10 7.64 -7.46 9.54
CA ARG B 10 7.63 -7.80 10.96
C ARG B 10 8.10 -6.63 11.85
N MET A 1 -6.32 -7.90 -5.21
CA MET A 1 -7.51 -7.07 -5.11
C MET A 1 -7.18 -5.57 -5.27
N GLU A 2 -8.10 -4.83 -5.92
CA GLU A 2 -7.97 -3.42 -6.25
C GLU A 2 -8.36 -2.55 -5.04
N ALA A 3 -7.35 -2.00 -4.33
CA ALA A 3 -7.50 -1.14 -3.16
C ALA A 3 -7.40 0.35 -3.57
N ILE A 4 -8.39 1.15 -3.16
CA ILE A 4 -8.42 2.59 -3.37
C ILE A 4 -7.55 3.27 -2.32
N ALA A 5 -6.49 3.98 -2.74
CA ALA A 5 -5.63 4.76 -1.84
C ALA A 5 -6.33 6.05 -1.38
N LYS A 6 -7.27 5.91 -0.44
CA LYS A 6 -8.07 7.00 0.10
C LYS A 6 -7.37 7.62 1.34
N VAL A 7 -6.06 7.89 1.23
CA VAL A 7 -5.20 8.38 2.32
C VAL A 7 -4.08 9.29 1.76
N ASP A 8 -3.22 8.74 0.89
CA ASP A 8 -1.97 9.31 0.34
C ASP A 8 -0.77 8.80 1.15
N PHE A 9 0.16 8.08 0.51
CA PHE A 9 1.37 7.52 1.13
C PHE A 9 2.63 8.13 0.50
N LYS A 10 3.31 9.03 1.25
CA LYS A 10 4.47 9.77 0.79
C LYS A 10 5.77 9.00 1.07
N ALA A 11 5.94 7.84 0.39
CA ALA A 11 7.20 7.10 0.37
C ALA A 11 8.21 7.76 -0.59
N THR A 12 9.50 7.43 -0.41
CA THR A 12 10.61 8.00 -1.19
C THR A 12 11.74 6.97 -1.38
N ALA A 13 11.40 5.78 -1.89
CA ALA A 13 12.33 4.68 -2.17
C ALA A 13 11.72 3.69 -3.16
N ASP A 14 12.57 3.01 -3.94
CA ASP A 14 12.18 1.94 -4.86
C ASP A 14 11.98 0.61 -4.10
N ASP A 15 11.03 0.62 -3.15
CA ASP A 15 10.61 -0.51 -2.33
C ASP A 15 9.21 -0.20 -1.77
N GLU A 16 9.11 0.81 -0.90
CA GLU A 16 7.84 1.34 -0.39
C GLU A 16 7.20 2.18 -1.50
N LEU A 17 6.08 1.70 -2.05
CA LEU A 17 5.43 2.22 -3.24
C LEU A 17 4.87 3.63 -3.00
N SER A 18 5.27 4.60 -3.85
CA SER A 18 5.01 6.02 -3.66
C SER A 18 3.66 6.43 -4.27
N PHE A 19 2.56 5.84 -3.80
CA PHE A 19 1.19 6.09 -4.28
C PHE A 19 0.51 7.24 -3.52
N LYS A 20 -0.47 7.89 -4.16
CA LYS A 20 -1.13 9.10 -3.68
C LYS A 20 -2.65 8.91 -3.55
N ARG A 21 -3.46 9.85 -4.07
CA ARG A 21 -4.91 9.90 -3.83
C ARG A 21 -5.70 9.19 -4.94
N GLY A 22 -6.48 8.16 -4.54
CA GLY A 22 -7.36 7.39 -5.43
C GLY A 22 -6.63 6.36 -6.30
N ASP A 23 -5.36 6.05 -6.00
CA ASP A 23 -4.52 5.11 -6.73
C ASP A 23 -5.08 3.68 -6.59
N ILE A 24 -5.45 3.07 -7.72
CA ILE A 24 -6.04 1.72 -7.79
C ILE A 24 -4.92 0.67 -7.76
N LEU A 25 -4.57 0.24 -6.54
CA LEU A 25 -3.46 -0.66 -6.24
C LEU A 25 -3.93 -2.12 -6.30
N LYS A 26 -3.37 -2.89 -7.24
CA LYS A 26 -3.75 -4.28 -7.53
C LYS A 26 -2.86 -5.16 -6.63
N VAL A 27 -3.45 -5.85 -5.65
CA VAL A 27 -2.69 -6.54 -4.61
C VAL A 27 -2.34 -7.97 -5.05
N LEU A 28 -1.04 -8.27 -4.95
CA LEU A 28 -0.41 -9.53 -5.36
C LEU A 28 -0.42 -10.55 -4.20
N ASN A 29 -0.35 -10.07 -2.95
CA ASN A 29 -0.47 -10.89 -1.73
C ASN A 29 -1.95 -10.97 -1.33
N GLU A 30 -2.69 -11.85 -2.01
CA GLU A 30 -4.12 -12.12 -1.78
C GLU A 30 -4.42 -12.42 -0.31
N GLU A 31 -3.61 -13.30 0.30
CA GLU A 31 -3.58 -13.57 1.74
C GLU A 31 -3.07 -12.33 2.48
N SER A 32 -4.02 -11.43 2.75
CA SER A 32 -3.81 -10.08 3.26
C SER A 32 -3.75 -10.06 4.80
N ASP A 33 -2.81 -10.81 5.38
CA ASP A 33 -2.50 -10.83 6.82
C ASP A 33 -1.28 -9.95 7.13
N GLN A 34 -0.17 -10.18 6.40
CA GLN A 34 1.07 -9.40 6.46
C GLN A 34 0.78 -7.96 6.03
N ASN A 35 0.72 -7.05 7.02
CA ASN A 35 0.26 -5.66 6.93
C ASN A 35 0.76 -4.91 5.69
N TRP A 36 2.03 -5.09 5.33
CA TRP A 36 2.63 -4.53 4.13
C TRP A 36 2.46 -5.52 2.97
N TYR A 37 1.47 -5.27 2.10
CA TYR A 37 1.14 -6.09 0.94
C TYR A 37 1.94 -5.58 -0.25
N LYS A 38 2.42 -6.46 -1.14
CA LYS A 38 3.03 -6.01 -2.40
C LYS A 38 1.93 -5.92 -3.45
N ALA A 39 1.80 -4.73 -4.06
CA ALA A 39 0.82 -4.39 -5.09
C ALA A 39 1.51 -3.79 -6.32
N GLU A 40 0.82 -3.87 -7.47
CA GLU A 40 1.17 -3.20 -8.72
C GLU A 40 0.20 -2.04 -8.97
N LEU A 41 0.74 -0.84 -9.14
CA LEU A 41 -0.02 0.40 -9.28
C LEU A 41 -0.66 0.49 -10.67
N ASN A 42 0.21 0.65 -11.68
CA ASN A 42 -0.06 0.75 -13.12
C ASN A 42 1.27 0.73 -13.87
N GLY A 43 2.21 1.58 -13.44
CA GLY A 43 3.57 1.69 -13.94
C GLY A 43 4.55 0.78 -13.16
N LYS A 44 4.55 0.88 -11.82
CA LYS A 44 5.53 0.24 -10.94
C LYS A 44 4.88 -0.56 -9.79
N ASP A 45 5.66 -1.50 -9.22
CA ASP A 45 5.32 -2.40 -8.14
C ASP A 45 6.12 -2.07 -6.85
N GLY A 46 5.49 -2.24 -5.68
CA GLY A 46 6.14 -2.08 -4.38
C GLY A 46 5.19 -2.32 -3.20
N PHE A 47 5.63 -2.00 -1.97
CA PHE A 47 4.93 -2.32 -0.73
C PHE A 47 3.95 -1.21 -0.31
N ILE A 48 2.83 -1.65 0.30
CA ILE A 48 1.62 -0.91 0.61
C ILE A 48 1.20 -1.26 2.04
N PRO A 49 1.28 -0.34 3.02
CA PRO A 49 0.79 -0.57 4.37
C PRO A 49 -0.74 -0.51 4.41
N LYS A 50 -1.39 -1.50 5.03
CA LYS A 50 -2.85 -1.65 5.10
C LYS A 50 -3.59 -0.38 5.56
N ASN A 51 -3.01 0.36 6.52
CA ASN A 51 -3.56 1.60 7.08
C ASN A 51 -3.72 2.71 6.02
N TYR A 52 -2.90 2.68 4.95
CA TYR A 52 -2.84 3.69 3.89
C TYR A 52 -3.74 3.39 2.68
N ILE A 53 -4.78 2.54 2.84
CA ILE A 53 -5.81 2.27 1.85
C ILE A 53 -7.21 2.20 2.50
N GLU A 54 -8.25 2.36 1.68
CA GLU A 54 -9.65 2.12 2.04
C GLU A 54 -9.86 0.64 2.38
N MET A 55 -9.40 -0.25 1.47
CA MET A 55 -9.45 -1.71 1.53
C MET A 55 -10.86 -2.25 1.27
N LYS A 56 -11.83 -1.79 2.07
CA LYS A 56 -13.26 -2.00 1.90
C LYS A 56 -13.85 -0.84 1.09
N VAL B 1 -7.50 11.47 14.42
CA VAL B 1 -6.17 10.81 14.44
C VAL B 1 -5.85 10.21 13.05
N PRO B 2 -4.72 10.58 12.40
CA PRO B 2 -4.35 10.09 11.08
C PRO B 2 -3.87 8.62 11.13
N PRO B 3 -3.97 7.87 10.02
CA PRO B 3 -3.55 6.47 9.94
C PRO B 3 -2.03 6.35 10.09
N PRO B 4 -1.51 5.65 11.12
CA PRO B 4 -0.07 5.50 11.36
C PRO B 4 0.54 4.45 10.42
N VAL B 5 1.87 4.48 10.27
CA VAL B 5 2.64 3.54 9.46
C VAL B 5 2.91 2.25 10.27
N PRO B 6 2.36 1.08 9.86
CA PRO B 6 2.59 -0.20 10.54
C PRO B 6 4.07 -0.62 10.57
N PRO B 7 4.49 -1.46 11.53
CA PRO B 7 5.81 -2.09 11.54
C PRO B 7 5.89 -3.12 10.39
N ARG B 8 7.03 -3.14 9.67
CA ARG B 8 7.24 -4.02 8.52
C ARG B 8 7.15 -5.50 8.88
N ARG B 9 7.83 -5.91 9.95
CA ARG B 9 7.79 -7.29 10.49
C ARG B 9 8.25 -8.28 9.40
N ARG B 10 9.52 -8.16 8.99
CA ARG B 10 10.13 -8.84 7.85
C ARG B 10 9.47 -8.36 6.54
N MET A 1 -8.02 -7.80 -8.84
CA MET A 1 -8.24 -7.36 -7.47
C MET A 1 -7.46 -6.06 -7.20
N GLU A 2 -8.12 -5.09 -6.54
CA GLU A 2 -7.61 -3.74 -6.31
C GLU A 2 -8.09 -3.14 -4.98
N ALA A 3 -7.36 -2.12 -4.49
CA ALA A 3 -7.57 -1.38 -3.24
C ALA A 3 -7.66 0.13 -3.53
N ILE A 4 -8.59 0.82 -2.86
CA ILE A 4 -8.70 2.29 -2.92
C ILE A 4 -7.64 2.93 -2.01
N ALA A 5 -6.96 3.98 -2.52
CA ALA A 5 -6.05 4.80 -1.74
C ALA A 5 -6.83 5.68 -0.75
N LYS A 6 -6.74 5.37 0.55
CA LYS A 6 -7.54 6.01 1.59
C LYS A 6 -6.83 7.24 2.17
N VAL A 7 -5.50 7.17 2.32
CA VAL A 7 -4.61 8.26 2.75
C VAL A 7 -3.39 8.31 1.83
N ASP A 8 -2.91 9.52 1.49
CA ASP A 8 -1.78 9.76 0.60
C ASP A 8 -0.47 9.24 1.22
N PHE A 9 -0.01 8.04 0.82
CA PHE A 9 1.21 7.42 1.34
C PHE A 9 2.46 7.96 0.63
N LYS A 10 3.52 8.23 1.41
CA LYS A 10 4.75 8.90 0.95
C LYS A 10 5.98 8.25 1.63
N ALA A 11 6.55 7.22 0.99
CA ALA A 11 7.83 6.60 1.34
C ALA A 11 8.92 6.99 0.32
N THR A 12 10.20 6.74 0.67
CA THR A 12 11.37 7.10 -0.12
C THR A 12 12.36 5.92 -0.17
N ALA A 13 12.03 4.90 -0.99
CA ALA A 13 12.83 3.69 -1.16
C ALA A 13 12.50 2.95 -2.47
N ASP A 14 13.16 1.82 -2.71
CA ASP A 14 12.88 0.89 -3.80
C ASP A 14 11.66 0.01 -3.46
N ASP A 15 11.68 -0.63 -2.28
CA ASP A 15 10.66 -1.56 -1.78
C ASP A 15 9.24 -0.97 -1.81
N GLU A 16 9.05 0.24 -1.26
CA GLU A 16 7.79 0.95 -1.15
C GLU A 16 7.10 1.23 -2.49
N LEU A 17 5.88 1.80 -2.39
CA LEU A 17 5.12 2.36 -3.49
C LEU A 17 4.27 3.52 -2.93
N SER A 18 4.68 4.77 -3.17
CA SER A 18 3.92 5.97 -2.78
C SER A 18 2.73 6.19 -3.71
N PHE A 19 1.67 6.87 -3.21
CA PHE A 19 0.45 7.11 -3.97
C PHE A 19 -0.40 8.27 -3.41
N LYS A 20 -1.26 8.80 -4.28
CA LYS A 20 -2.30 9.79 -4.02
C LYS A 20 -3.59 9.12 -3.53
N ARG A 21 -4.40 9.81 -2.70
CA ARG A 21 -5.72 9.32 -2.29
C ARG A 21 -6.72 9.27 -3.47
N GLY A 22 -7.69 8.34 -3.38
CA GLY A 22 -8.67 8.03 -4.42
C GLY A 22 -8.18 6.94 -5.38
N ASP A 23 -6.95 7.09 -5.90
CA ASP A 23 -6.28 6.20 -6.86
C ASP A 23 -6.48 4.71 -6.53
N ILE A 24 -6.92 3.94 -7.52
CA ILE A 24 -7.26 2.52 -7.41
C ILE A 24 -6.04 1.69 -7.82
N LEU A 25 -5.32 1.13 -6.82
CA LEU A 25 -4.09 0.37 -6.99
C LEU A 25 -4.40 -1.12 -7.18
N LYS A 26 -3.61 -1.79 -8.04
CA LYS A 26 -3.76 -3.19 -8.43
C LYS A 26 -2.96 -4.08 -7.47
N VAL A 27 -3.62 -4.66 -6.45
CA VAL A 27 -2.97 -5.39 -5.38
C VAL A 27 -2.80 -6.87 -5.72
N LEU A 28 -1.68 -7.44 -5.26
CA LEU A 28 -1.19 -8.77 -5.63
C LEU A 28 -1.14 -9.75 -4.44
N ASN A 29 -1.08 -9.26 -3.19
CA ASN A 29 -1.08 -10.09 -1.96
C ASN A 29 -1.73 -9.38 -0.76
N GLU A 30 -1.96 -10.15 0.32
CA GLU A 30 -2.42 -9.68 1.63
C GLU A 30 -2.11 -10.72 2.72
N GLU A 31 -2.50 -11.98 2.47
CA GLU A 31 -2.16 -13.18 3.23
C GLU A 31 -2.69 -13.28 4.67
N SER A 32 -3.12 -12.16 5.28
CA SER A 32 -3.58 -12.05 6.67
C SER A 32 -2.43 -12.29 7.68
N ASP A 33 -1.27 -11.69 7.38
CA ASP A 33 -0.04 -11.70 8.20
C ASP A 33 0.95 -10.64 7.69
N GLN A 34 1.07 -10.50 6.36
CA GLN A 34 1.92 -9.52 5.69
C GLN A 34 1.54 -8.09 6.09
N ASN A 35 0.27 -7.71 5.88
CA ASN A 35 -0.29 -6.37 6.12
C ASN A 35 0.39 -5.26 5.28
N TRP A 36 1.06 -5.64 4.18
CA TRP A 36 1.68 -4.78 3.19
C TRP A 36 1.50 -5.46 1.83
N TYR A 37 0.70 -4.86 0.93
CA TYR A 37 0.36 -5.48 -0.35
C TYR A 37 1.41 -5.07 -1.38
N LYS A 38 1.93 -6.00 -2.19
CA LYS A 38 2.93 -5.65 -3.18
C LYS A 38 2.16 -5.26 -4.45
N ALA A 39 1.64 -4.03 -4.44
CA ALA A 39 0.70 -3.49 -5.42
C ALA A 39 1.41 -2.75 -6.55
N GLU A 40 0.81 -2.80 -7.74
CA GLU A 40 1.25 -2.12 -8.94
C GLU A 40 0.33 -0.92 -9.24
N LEU A 41 0.93 0.23 -9.55
CA LEU A 41 0.22 1.48 -9.83
C LEU A 41 -0.13 1.55 -11.32
N ASN A 42 0.86 1.97 -12.14
CA ASN A 42 0.83 2.02 -13.59
C ASN A 42 2.26 2.37 -14.08
N GLY A 43 3.25 1.55 -13.73
CA GLY A 43 4.67 1.80 -13.99
C GLY A 43 5.60 1.08 -13.00
N LYS A 44 5.24 1.05 -11.71
CA LYS A 44 6.04 0.47 -10.62
C LYS A 44 5.20 -0.50 -9.78
N ASP A 45 5.83 -1.62 -9.39
CA ASP A 45 5.35 -2.60 -8.42
C ASP A 45 6.12 -2.42 -7.09
N GLY A 46 5.41 -2.32 -5.97
CA GLY A 46 6.02 -2.14 -4.64
C GLY A 46 4.99 -2.21 -3.50
N PHE A 47 5.45 -2.02 -2.26
CA PHE A 47 4.67 -2.27 -1.05
C PHE A 47 3.86 -1.05 -0.59
N ILE A 48 2.57 -1.29 -0.25
CA ILE A 48 1.60 -0.32 0.26
C ILE A 48 1.06 -0.80 1.62
N PRO A 49 1.05 0.06 2.67
CA PRO A 49 0.62 -0.30 4.01
C PRO A 49 -0.91 -0.41 4.11
N LYS A 50 -1.41 -1.47 4.74
CA LYS A 50 -2.83 -1.79 4.93
C LYS A 50 -3.65 -0.62 5.51
N ASN A 51 -3.07 0.16 6.44
CA ASN A 51 -3.74 1.29 7.11
C ASN A 51 -4.17 2.40 6.12
N TYR A 52 -3.28 2.79 5.19
CA TYR A 52 -3.50 3.89 4.24
C TYR A 52 -4.47 3.53 3.09
N ILE A 53 -5.11 2.35 3.12
CA ILE A 53 -5.92 1.80 2.02
C ILE A 53 -7.08 0.94 2.55
N GLU A 54 -8.02 0.60 1.64
CA GLU A 54 -9.07 -0.39 1.88
C GLU A 54 -8.67 -1.74 1.26
N MET A 55 -9.42 -2.80 1.56
CA MET A 55 -9.30 -4.08 0.88
C MET A 55 -9.76 -3.87 -0.57
N LYS A 56 -10.91 -3.19 -0.72
CA LYS A 56 -11.46 -2.67 -1.97
C LYS A 56 -12.10 -1.30 -1.68
N VAL B 1 1.04 14.14 13.46
CA VAL B 1 1.69 13.02 12.75
C VAL B 1 0.70 12.23 11.86
N PRO B 2 1.14 11.64 10.73
CA PRO B 2 0.30 10.85 9.85
C PRO B 2 0.01 9.45 10.45
N PRO B 3 -0.93 8.67 9.88
CA PRO B 3 -1.34 7.37 10.42
C PRO B 3 -0.16 6.38 10.57
N PRO B 4 -0.16 5.52 11.61
CA PRO B 4 0.92 4.56 11.85
C PRO B 4 0.79 3.37 10.89
N VAL B 5 1.77 3.19 9.99
CA VAL B 5 1.86 2.01 9.12
C VAL B 5 2.05 0.73 9.95
N PRO B 6 1.45 -0.42 9.56
CA PRO B 6 1.40 -1.63 10.38
C PRO B 6 2.77 -2.32 10.46
N PRO B 7 3.06 -3.03 11.56
CA PRO B 7 4.31 -3.76 11.76
C PRO B 7 4.35 -4.99 10.85
N ARG B 8 5.37 -5.08 9.98
CA ARG B 8 5.59 -6.20 9.08
C ARG B 8 6.06 -7.42 9.89
N ARG B 9 7.34 -7.42 10.28
CA ARG B 9 8.00 -8.41 11.13
C ARG B 9 9.32 -7.81 11.62
N ARG B 10 9.25 -7.05 12.72
CA ARG B 10 10.31 -6.19 13.27
C ARG B 10 10.50 -4.92 12.42
#